data_236D
# 
_entry.id   236D 
# 
_audit_conform.dict_name       mmcif_pdbx.dic 
_audit_conform.dict_version    5.387 
_audit_conform.dict_location   http://mmcif.pdb.org/dictionaries/ascii/mmcif_pdbx.dic 
# 
loop_
_database_2.database_id 
_database_2.database_code 
_database_2.pdbx_database_accession 
_database_2.pdbx_DOI 
PDB   236D         pdb_0000236d 10.2210/pdb236d/pdb 
RCSB  DDF056       ?            ?                   
WWPDB D_1000177623 ?            ?                   
# 
loop_
_pdbx_audit_revision_history.ordinal 
_pdbx_audit_revision_history.data_content_type 
_pdbx_audit_revision_history.major_revision 
_pdbx_audit_revision_history.minor_revision 
_pdbx_audit_revision_history.revision_date 
1 'Structure model' 1 0 1996-01-31 
2 'Structure model' 1 1 2008-05-22 
3 'Structure model' 1 2 2011-07-13 
4 'Structure model' 1 3 2024-02-14 
# 
_pdbx_audit_revision_details.ordinal             1 
_pdbx_audit_revision_details.revision_ordinal    1 
_pdbx_audit_revision_details.data_content_type   'Structure model' 
_pdbx_audit_revision_details.provider            repository 
_pdbx_audit_revision_details.type                'Initial release' 
_pdbx_audit_revision_details.description         ? 
_pdbx_audit_revision_details.details             ? 
# 
loop_
_pdbx_audit_revision_group.ordinal 
_pdbx_audit_revision_group.revision_ordinal 
_pdbx_audit_revision_group.data_content_type 
_pdbx_audit_revision_group.group 
1 2 'Structure model' 'Version format compliance' 
2 3 'Structure model' 'Version format compliance' 
3 4 'Structure model' 'Data collection'           
4 4 'Structure model' 'Database references'       
5 4 'Structure model' 'Derived calculations'      
# 
loop_
_pdbx_audit_revision_category.ordinal 
_pdbx_audit_revision_category.revision_ordinal 
_pdbx_audit_revision_category.data_content_type 
_pdbx_audit_revision_category.category 
1 4 'Structure model' chem_comp_atom 
2 4 'Structure model' chem_comp_bond 
3 4 'Structure model' database_2     
4 4 'Structure model' struct_site    
# 
loop_
_pdbx_audit_revision_item.ordinal 
_pdbx_audit_revision_item.revision_ordinal 
_pdbx_audit_revision_item.data_content_type 
_pdbx_audit_revision_item.item 
1 4 'Structure model' '_database_2.pdbx_DOI'                
2 4 'Structure model' '_database_2.pdbx_database_accession' 
3 4 'Structure model' '_struct_site.pdbx_auth_asym_id'      
4 4 'Structure model' '_struct_site.pdbx_auth_comp_id'      
5 4 'Structure model' '_struct_site.pdbx_auth_seq_id'       
# 
_pdbx_database_status.status_code                     REL 
_pdbx_database_status.entry_id                        236D 
_pdbx_database_status.recvd_initial_deposition_date   1995-06-22 
_pdbx_database_status.deposit_site                    BNL 
_pdbx_database_status.process_site                    NDB 
_pdbx_database_status.SG_entry                        . 
_pdbx_database_status.pdb_format_compatible           Y 
_pdbx_database_status.status_code_mr                  ? 
_pdbx_database_status.status_code_sf                  ? 
_pdbx_database_status.status_code_cs                  ? 
_pdbx_database_status.status_code_nmr_data            ? 
_pdbx_database_status.methods_development_category    ? 
# 
loop_
_audit_author.name 
_audit_author.pdbx_ordinal 
'Gao, Y.-G.'    1 
'Wang, A.H.-J.' 2 
# 
_citation.id                        primary 
_citation.title                     
;Crystal structures of four morpholino-doxorubicin anticancer drugs complexed with d(CGTACG) and d(CGATCG): implications in drug-DNA crosslink.
;
_citation.journal_abbrev            J.Biomol.Struct.Dyn. 
_citation.journal_volume            13 
_citation.page_first                103 
_citation.page_last                 117 
_citation.year                      1995 
_citation.journal_id_ASTM           JBSDD6 
_citation.country                   US 
_citation.journal_id_ISSN           0739-1102 
_citation.journal_id_CSD            0646 
_citation.book_publisher            ? 
_citation.pdbx_database_id_PubMed   8527023 
_citation.pdbx_database_id_DOI      ? 
# 
loop_
_citation_author.citation_id 
_citation_author.name 
_citation_author.ordinal 
_citation_author.identifier_ORCID 
primary 'Gao, Y.G.'  1 ? 
primary 'Wang, A.H.' 2 ? 
# 
loop_
_entity.id 
_entity.type 
_entity.src_method 
_entity.pdbx_description 
_entity.formula_weight 
_entity.pdbx_number_of_molecules 
_entity.pdbx_ec 
_entity.pdbx_mutation 
_entity.pdbx_fragment 
_entity.details 
1 polymer     syn 
;DNA (5'-D(*CP*GP*AP*TP*CP*G)-3')
;
1809.217 1  ? ? ? ? 
2 non-polymer syn "3'-DESAMINO-3'-(3-CYANO-4-MORPHOLINYL)-DOXORUBICIN" 638.619  1  ? ? ? ? 
3 water       nat water                                                18.015   61 ? ? ? ? 
# 
_entity_poly.entity_id                      1 
_entity_poly.type                           polydeoxyribonucleotide 
_entity_poly.nstd_linkage                   no 
_entity_poly.nstd_monomer                   no 
_entity_poly.pdbx_seq_one_letter_code       '(DC)(DG)(DA)(DT)(DC)(DG)' 
_entity_poly.pdbx_seq_one_letter_code_can   CGATCG 
_entity_poly.pdbx_strand_id                 A 
_entity_poly.pdbx_target_identifier         ? 
# 
loop_
_pdbx_entity_nonpoly.entity_id 
_pdbx_entity_nonpoly.name 
_pdbx_entity_nonpoly.comp_id 
2 "3'-DESAMINO-3'-(3-CYANO-4-MORPHOLINYL)-DOXORUBICIN" CMD 
3 water                                                HOH 
# 
loop_
_entity_poly_seq.entity_id 
_entity_poly_seq.num 
_entity_poly_seq.mon_id 
_entity_poly_seq.hetero 
1 1 DC n 
1 2 DG n 
1 3 DA n 
1 4 DT n 
1 5 DC n 
1 6 DG n 
# 
loop_
_chem_comp.id 
_chem_comp.type 
_chem_comp.mon_nstd_flag 
_chem_comp.name 
_chem_comp.pdbx_synonyms 
_chem_comp.formula 
_chem_comp.formula_weight 
CMD non-polymer   . "3'-DESAMINO-3'-(3-CYANO-4-MORPHOLINYL)-DOXORUBICIN" ? 'C32 H34 N2 O12'  638.619 
DA  'DNA linking' y "2'-DEOXYADENOSINE-5'-MONOPHOSPHATE"                 ? 'C10 H14 N5 O6 P' 331.222 
DC  'DNA linking' y "2'-DEOXYCYTIDINE-5'-MONOPHOSPHATE"                  ? 'C9 H14 N3 O7 P'  307.197 
DG  'DNA linking' y "2'-DEOXYGUANOSINE-5'-MONOPHOSPHATE"                 ? 'C10 H14 N5 O7 P' 347.221 
DT  'DNA linking' y "THYMIDINE-5'-MONOPHOSPHATE"                         ? 'C10 H15 N2 O8 P' 322.208 
HOH non-polymer   . WATER                                                ? 'H2 O'            18.015  
# 
loop_
_pdbx_poly_seq_scheme.asym_id 
_pdbx_poly_seq_scheme.entity_id 
_pdbx_poly_seq_scheme.seq_id 
_pdbx_poly_seq_scheme.mon_id 
_pdbx_poly_seq_scheme.ndb_seq_num 
_pdbx_poly_seq_scheme.pdb_seq_num 
_pdbx_poly_seq_scheme.auth_seq_num 
_pdbx_poly_seq_scheme.pdb_mon_id 
_pdbx_poly_seq_scheme.auth_mon_id 
_pdbx_poly_seq_scheme.pdb_strand_id 
_pdbx_poly_seq_scheme.pdb_ins_code 
_pdbx_poly_seq_scheme.hetero 
A 1 1 DC 1 1 1 DC C A . n 
A 1 2 DG 2 2 2 DG G A . n 
A 1 3 DA 3 3 3 DA A A . n 
A 1 4 DT 4 4 4 DT T A . n 
A 1 5 DC 5 5 5 DC C A . n 
A 1 6 DG 6 6 6 DG G A . n 
# 
loop_
_pdbx_nonpoly_scheme.asym_id 
_pdbx_nonpoly_scheme.entity_id 
_pdbx_nonpoly_scheme.mon_id 
_pdbx_nonpoly_scheme.ndb_seq_num 
_pdbx_nonpoly_scheme.pdb_seq_num 
_pdbx_nonpoly_scheme.auth_seq_num 
_pdbx_nonpoly_scheme.pdb_mon_id 
_pdbx_nonpoly_scheme.auth_mon_id 
_pdbx_nonpoly_scheme.pdb_strand_id 
_pdbx_nonpoly_scheme.pdb_ins_code 
B 2 CMD 1  7  7  CMD CMD A . 
C 3 HOH 1  8  8  HOH HOH A . 
C 3 HOH 2  9  9  HOH HOH A . 
C 3 HOH 3  10 10 HOH HOH A . 
C 3 HOH 4  11 11 HOH HOH A . 
C 3 HOH 5  12 12 HOH HOH A . 
C 3 HOH 6  13 13 HOH HOH A . 
C 3 HOH 7  14 14 HOH HOH A . 
C 3 HOH 8  15 15 HOH HOH A . 
C 3 HOH 9  16 16 HOH HOH A . 
C 3 HOH 10 17 17 HOH HOH A . 
C 3 HOH 11 18 18 HOH HOH A . 
C 3 HOH 12 19 19 HOH HOH A . 
C 3 HOH 13 20 20 HOH HOH A . 
C 3 HOH 14 21 21 HOH HOH A . 
C 3 HOH 15 22 22 HOH HOH A . 
C 3 HOH 16 23 23 HOH HOH A . 
C 3 HOH 17 24 24 HOH HOH A . 
C 3 HOH 18 25 25 HOH HOH A . 
C 3 HOH 19 26 26 HOH HOH A . 
C 3 HOH 20 27 27 HOH HOH A . 
C 3 HOH 21 28 28 HOH HOH A . 
C 3 HOH 22 29 29 HOH HOH A . 
C 3 HOH 23 30 30 HOH HOH A . 
C 3 HOH 24 31 31 HOH HOH A . 
C 3 HOH 25 32 32 HOH HOH A . 
C 3 HOH 26 33 33 HOH HOH A . 
C 3 HOH 27 34 34 HOH HOH A . 
C 3 HOH 28 35 35 HOH HOH A . 
C 3 HOH 29 36 36 HOH HOH A . 
C 3 HOH 30 37 37 HOH HOH A . 
C 3 HOH 31 38 38 HOH HOH A . 
C 3 HOH 32 39 39 HOH HOH A . 
C 3 HOH 33 40 40 HOH HOH A . 
C 3 HOH 34 41 41 HOH HOH A . 
C 3 HOH 35 42 42 HOH HOH A . 
C 3 HOH 36 43 43 HOH HOH A . 
C 3 HOH 37 44 44 HOH HOH A . 
C 3 HOH 38 45 45 HOH HOH A . 
C 3 HOH 39 46 46 HOH HOH A . 
C 3 HOH 40 47 47 HOH HOH A . 
C 3 HOH 41 48 48 HOH HOH A . 
C 3 HOH 42 49 49 HOH HOH A . 
C 3 HOH 43 50 50 HOH HOH A . 
C 3 HOH 44 51 51 HOH HOH A . 
C 3 HOH 45 52 52 HOH HOH A . 
C 3 HOH 46 53 53 HOH HOH A . 
C 3 HOH 47 54 54 HOH HOH A . 
C 3 HOH 48 55 55 HOH HOH A . 
C 3 HOH 49 56 56 HOH HOH A . 
C 3 HOH 50 57 57 HOH HOH A . 
C 3 HOH 51 58 58 HOH HOH A . 
C 3 HOH 52 59 59 HOH HOH A . 
C 3 HOH 53 60 60 HOH HOH A . 
C 3 HOH 54 61 61 HOH HOH A . 
C 3 HOH 55 62 62 HOH HOH A . 
C 3 HOH 56 63 63 HOH HOH A . 
C 3 HOH 57 64 64 HOH HOH A . 
C 3 HOH 58 65 65 HOH HOH A . 
C 3 HOH 59 66 66 HOH HOH A . 
C 3 HOH 60 67 67 HOH HOH A . 
C 3 HOH 61 68 68 HOH HOH A . 
# 
_software.name             NUCLSQ 
_software.classification   refinement 
_software.version          . 
_software.citation_id      ? 
_software.pdbx_ordinal     1 
# 
_cell.entry_id           236D 
_cell.length_a           28.186 
_cell.length_b           28.186 
_cell.length_c           53.352 
_cell.angle_alpha        90.00 
_cell.angle_beta         90.00 
_cell.angle_gamma        90.00 
_cell.Z_PDB              8 
_cell.pdbx_unique_axis   ? 
# 
_symmetry.entry_id                         236D 
_symmetry.space_group_name_H-M             'P 41 21 2' 
_symmetry.pdbx_full_space_group_name_H-M   ? 
_symmetry.cell_setting                     ? 
_symmetry.Int_Tables_number                92 
# 
_exptl.entry_id          236D 
_exptl.method            'X-RAY DIFFRACTION' 
_exptl.crystals_number   ? 
# 
_exptl_crystal.id                    1 
_exptl_crystal.density_meas          ? 
_exptl_crystal.density_Matthews      2.93 
_exptl_crystal.density_percent_sol   58.00 
_exptl_crystal.description           ? 
# 
_exptl_crystal_grow.crystal_id      1 
_exptl_crystal_grow.method          'VAPOR DIFFUSION' 
_exptl_crystal_grow.temp            ? 
_exptl_crystal_grow.temp_details    'ROOM TEMPERATURE' 
_exptl_crystal_grow.pH              6.00 
_exptl_crystal_grow.pdbx_details    'pH 6.00, VAPOR DIFFUSION' 
_exptl_crystal_grow.pdbx_pH_range   ? 
# 
loop_
_exptl_crystal_grow_comp.crystal_id 
_exptl_crystal_grow_comp.id 
_exptl_crystal_grow_comp.sol_id 
_exptl_crystal_grow_comp.name 
_exptl_crystal_grow_comp.volume 
_exptl_crystal_grow_comp.conc 
_exptl_crystal_grow_comp.details 
1 1 1 WATER           ? ? ? 
1 2 1 MPD             ? ? ? 
1 3 1 BACL2           ? ? ? 
1 4 1 'NA CACODYLATE' ? ? ? 
1 5 1 SPERMINE        ? ? ? 
1 6 2 WATER           ? ? ? 
1 7 2 MPD             ? ? ? 
# 
_diffrn.id                     1 
_diffrn.ambient_temp           298.00 
_diffrn.ambient_temp_details   ? 
_diffrn.crystal_id             1 
# 
_diffrn_detector.diffrn_id              1 
_diffrn_detector.detector               DIFFRACTOMETER 
_diffrn_detector.type                   'RIGAKU AFC-5' 
_diffrn_detector.pdbx_collection_date   ? 
_diffrn_detector.details                ? 
# 
_diffrn_radiation.diffrn_id                        1 
_diffrn_radiation.wavelength_id                    1 
_diffrn_radiation.pdbx_monochromatic_or_laue_m_l   ? 
_diffrn_radiation.monochromator                    ? 
_diffrn_radiation.pdbx_diffrn_protocol             ? 
_diffrn_radiation.pdbx_scattering_type             x-ray 
# 
_diffrn_radiation_wavelength.id           1 
_diffrn_radiation_wavelength.wavelength   1.5418 
_diffrn_radiation_wavelength.wt           1.0 
# 
_diffrn_source.diffrn_id                   1 
_diffrn_source.source                      'ROTATING ANODE' 
_diffrn_source.type                        RIGAKU 
_diffrn_source.pdbx_synchrotron_site       ? 
_diffrn_source.pdbx_synchrotron_beamline   ? 
_diffrn_source.pdbx_wavelength             1.5418 
_diffrn_source.pdbx_wavelength_list        ? 
# 
_reflns.entry_id                     236D 
_reflns.observed_criterion_sigma_I   ? 
_reflns.observed_criterion_sigma_F   ? 
_reflns.d_resolution_low             ? 
_reflns.d_resolution_high            1.700 
_reflns.number_obs                   ? 
_reflns.number_all                   ? 
_reflns.percent_possible_obs         ? 
_reflns.pdbx_Rmerge_I_obs            ? 
_reflns.pdbx_Rsym_value              ? 
_reflns.pdbx_netI_over_sigmaI        ? 
_reflns.B_iso_Wilson_estimate        ? 
_reflns.pdbx_redundancy              ? 
_reflns.pdbx_diffrn_id               1 
_reflns.pdbx_ordinal                 1 
# 
_refine.entry_id                                 236D 
_refine.ls_number_reflns_obs                     1652 
_refine.ls_number_reflns_all                     ? 
_refine.pdbx_ls_sigma_I                          ? 
_refine.pdbx_ls_sigma_F                          2.000 
_refine.pdbx_data_cutoff_high_absF               ? 
_refine.pdbx_data_cutoff_low_absF                ? 
_refine.pdbx_data_cutoff_high_rms_absF           ? 
_refine.ls_d_res_low                             ? 
_refine.ls_d_res_high                            1.800 
_refine.ls_percent_reflns_obs                    ? 
_refine.ls_R_factor_obs                          0.2190000 
_refine.ls_R_factor_all                          ? 
_refine.ls_R_factor_R_work                       ? 
_refine.ls_R_factor_R_free                       ? 
_refine.ls_R_factor_R_free_error                 ? 
_refine.ls_R_factor_R_free_error_details         ? 
_refine.ls_percent_reflns_R_free                 ? 
_refine.ls_number_reflns_R_free                  ? 
_refine.ls_number_parameters                     ? 
_refine.ls_number_restraints                     ? 
_refine.occupancy_min                            ? 
_refine.occupancy_max                            ? 
_refine.B_iso_mean                               ? 
_refine.aniso_B[1][1]                            ? 
_refine.aniso_B[2][2]                            ? 
_refine.aniso_B[3][3]                            ? 
_refine.aniso_B[1][2]                            ? 
_refine.aniso_B[1][3]                            ? 
_refine.aniso_B[2][3]                            ? 
_refine.solvent_model_details                    ? 
_refine.solvent_model_param_ksol                 ? 
_refine.solvent_model_param_bsol                 ? 
_refine.pdbx_ls_cross_valid_method               ? 
_refine.details                                  ? 
_refine.pdbx_starting_model                      ? 
_refine.pdbx_method_to_determine_struct          ? 
_refine.pdbx_isotropic_thermal_model             ? 
_refine.pdbx_stereochemistry_target_values       ? 
_refine.pdbx_stereochem_target_val_spec_case     ? 
_refine.pdbx_R_Free_selection_details            ? 
_refine.pdbx_overall_ESU_R                       ? 
_refine.pdbx_overall_ESU_R_Free                  ? 
_refine.overall_SU_ML                            ? 
_refine.overall_SU_B                             ? 
_refine.pdbx_refine_id                           'X-RAY DIFFRACTION' 
_refine.pdbx_diffrn_id                           1 
_refine.pdbx_TLS_residual_ADP_flag               ? 
_refine.correlation_coeff_Fo_to_Fc               ? 
_refine.correlation_coeff_Fo_to_Fc_free          ? 
_refine.pdbx_solvent_vdw_probe_radii             ? 
_refine.pdbx_solvent_ion_probe_radii             ? 
_refine.pdbx_solvent_shrinkage_radii             ? 
_refine.pdbx_overall_phase_error                 ? 
_refine.overall_SU_R_Cruickshank_DPI             ? 
_refine.pdbx_overall_SU_R_free_Cruickshank_DPI   ? 
_refine.pdbx_overall_SU_R_Blow_DPI               ? 
_refine.pdbx_overall_SU_R_free_Blow_DPI          ? 
# 
_refine_hist.pdbx_refine_id                   'X-RAY DIFFRACTION' 
_refine_hist.cycle_id                         LAST 
_refine_hist.pdbx_number_atoms_protein        0 
_refine_hist.pdbx_number_atoms_nucleic_acid   120 
_refine_hist.pdbx_number_atoms_ligand         46 
_refine_hist.number_atoms_solvent             61 
_refine_hist.number_atoms_total               227 
_refine_hist.d_res_high                       1.800 
_refine_hist.d_res_low                        . 
# 
loop_
_refine_ls_restr.type 
_refine_ls_restr.dev_ideal 
_refine_ls_restr.dev_ideal_target 
_refine_ls_restr.weight 
_refine_ls_restr.number 
_refine_ls_restr.pdbx_refine_id 
_refine_ls_restr.pdbx_restraint_function 
n_bond_d               0.016 ? ? ? 'X-RAY DIFFRACTION' ? 
n_angle_d              ?     ? ? ? 'X-RAY DIFFRACTION' ? 
n_planar_d             ?     ? ? ? 'X-RAY DIFFRACTION' ? 
n_hb_or_metal_coord    ?     ? ? ? 'X-RAY DIFFRACTION' ? 
n_sugar_bond_it        ?     ? ? ? 'X-RAY DIFFRACTION' ? 
n_sugar_angle_it       ?     ? ? ? 'X-RAY DIFFRACTION' ? 
n_phos_bond_it         ?     ? ? ? 'X-RAY DIFFRACTION' ? 
n_phos_angle_it        ?     ? ? ? 'X-RAY DIFFRACTION' ? 
n_bond_angle_restr     ?     ? ? ? 'X-RAY DIFFRACTION' ? 
n_dihedral_angle_restr ?     ? ? ? 'X-RAY DIFFRACTION' ? 
n_impr_tor             ?     ? ? ? 'X-RAY DIFFRACTION' ? 
n_sugar_bond_d         ?     ? ? ? 'X-RAY DIFFRACTION' ? 
n_sugar_bond_angle_d   ?     ? ? ? 'X-RAY DIFFRACTION' ? 
n_phos_bond_d          ?     ? ? ? 'X-RAY DIFFRACTION' ? 
n_phos_bond_angle_d    ?     ? ? ? 'X-RAY DIFFRACTION' ? 
n_plane_restr          ?     ? ? ? 'X-RAY DIFFRACTION' ? 
n_chiral_restr         ?     ? ? ? 'X-RAY DIFFRACTION' ? 
n_singtor_nbd          ?     ? ? ? 'X-RAY DIFFRACTION' ? 
n_multtor_nbd          ?     ? ? ? 'X-RAY DIFFRACTION' ? 
n_xhyhbond_nbd         ?     ? ? ? 'X-RAY DIFFRACTION' ? 
# 
_struct.entry_id                  236D 
_struct.title                     
;CRYSTAL STRUCTURE OF FOUR MORPHOLINO-DOXORUBICIN ANTICANCER DRUGS COMPLEXED WITH D(CGTACG) AND D(CGATCG): IMPLICATIONS IN DRUG-DNA CROSSLINK
;
_struct.pdbx_model_details        ? 
_struct.pdbx_CASP_flag            ? 
_struct.pdbx_model_type_details   ? 
# 
_struct_keywords.entry_id        236D 
_struct_keywords.pdbx_keywords   DNA 
_struct_keywords.text            'RIGHT HANDED DNA, DOUBLE HELIX, COMPLEXED WITH DRUG, DNA' 
# 
loop_
_struct_asym.id 
_struct_asym.pdbx_blank_PDB_chainid_flag 
_struct_asym.pdbx_modified 
_struct_asym.entity_id 
_struct_asym.details 
A N N 1 ? 
B N N 2 ? 
C N N 3 ? 
# 
_struct_ref.id                         1 
_struct_ref.entity_id                  1 
_struct_ref.db_name                    PDB 
_struct_ref.db_code                    236D 
_struct_ref.pdbx_db_accession          236D 
_struct_ref.pdbx_db_isoform            ? 
_struct_ref.pdbx_seq_one_letter_code   ? 
_struct_ref.pdbx_align_begin           ? 
# 
_struct_ref_seq.align_id                      1 
_struct_ref_seq.ref_id                        1 
_struct_ref_seq.pdbx_PDB_id_code              236D 
_struct_ref_seq.pdbx_strand_id                A 
_struct_ref_seq.seq_align_beg                 1 
_struct_ref_seq.pdbx_seq_align_beg_ins_code   ? 
_struct_ref_seq.seq_align_end                 6 
_struct_ref_seq.pdbx_seq_align_end_ins_code   ? 
_struct_ref_seq.pdbx_db_accession             236D 
_struct_ref_seq.db_align_beg                  1 
_struct_ref_seq.pdbx_db_align_beg_ins_code    ? 
_struct_ref_seq.db_align_end                  6 
_struct_ref_seq.pdbx_db_align_end_ins_code    ? 
_struct_ref_seq.pdbx_auth_seq_align_beg       1 
_struct_ref_seq.pdbx_auth_seq_align_end       6 
# 
_pdbx_struct_assembly.id                   1 
_pdbx_struct_assembly.details              author_defined_assembly 
_pdbx_struct_assembly.method_details       ? 
_pdbx_struct_assembly.oligomeric_details   dimeric 
_pdbx_struct_assembly.oligomeric_count     2 
# 
_pdbx_struct_assembly_gen.assembly_id       1 
_pdbx_struct_assembly_gen.oper_expression   1,2 
_pdbx_struct_assembly_gen.asym_id_list      A,B,C 
# 
loop_
_pdbx_struct_oper_list.id 
_pdbx_struct_oper_list.type 
_pdbx_struct_oper_list.name 
_pdbx_struct_oper_list.symmetry_operation 
_pdbx_struct_oper_list.matrix[1][1] 
_pdbx_struct_oper_list.matrix[1][2] 
_pdbx_struct_oper_list.matrix[1][3] 
_pdbx_struct_oper_list.vector[1] 
_pdbx_struct_oper_list.matrix[2][1] 
_pdbx_struct_oper_list.matrix[2][2] 
_pdbx_struct_oper_list.matrix[2][3] 
_pdbx_struct_oper_list.vector[2] 
_pdbx_struct_oper_list.matrix[3][1] 
_pdbx_struct_oper_list.matrix[3][2] 
_pdbx_struct_oper_list.matrix[3][3] 
_pdbx_struct_oper_list.vector[3] 
1 'identity operation'         1_555 x,y,z            1.0000000000  0.0000000000  0.0000000000 0.0000000000  0.0000000000  1.0000000000  0.0000000000  0.0000000000 0.0000000000 0.0000000000  1.0000000000  0.0000000000 
2 'crystal symmetry operation' 8_665 -y+1,-x+1,-z+1/2 -0.2687286354 -0.6617760317 0.6998838506 -0.8099589033 -0.6617760317 -0.4011149111 -0.6333713854 5.2612744807 0.6998838506 -0.6333713854 -0.3301564535 5.8210874513 
# 
_struct_biol.id   1 
# 
loop_
_struct_conn.id 
_struct_conn.conn_type_id 
_struct_conn.pdbx_leaving_atom_flag 
_struct_conn.pdbx_PDB_id 
_struct_conn.ptnr1_label_asym_id 
_struct_conn.ptnr1_label_comp_id 
_struct_conn.ptnr1_label_seq_id 
_struct_conn.ptnr1_label_atom_id 
_struct_conn.pdbx_ptnr1_label_alt_id 
_struct_conn.pdbx_ptnr1_PDB_ins_code 
_struct_conn.pdbx_ptnr1_standard_comp_id 
_struct_conn.ptnr1_symmetry 
_struct_conn.ptnr2_label_asym_id 
_struct_conn.ptnr2_label_comp_id 
_struct_conn.ptnr2_label_seq_id 
_struct_conn.ptnr2_label_atom_id 
_struct_conn.pdbx_ptnr2_label_alt_id 
_struct_conn.pdbx_ptnr2_PDB_ins_code 
_struct_conn.ptnr1_auth_asym_id 
_struct_conn.ptnr1_auth_comp_id 
_struct_conn.ptnr1_auth_seq_id 
_struct_conn.ptnr2_auth_asym_id 
_struct_conn.ptnr2_auth_comp_id 
_struct_conn.ptnr2_auth_seq_id 
_struct_conn.ptnr2_symmetry 
_struct_conn.pdbx_ptnr3_label_atom_id 
_struct_conn.pdbx_ptnr3_label_seq_id 
_struct_conn.pdbx_ptnr3_label_comp_id 
_struct_conn.pdbx_ptnr3_label_asym_id 
_struct_conn.pdbx_ptnr3_label_alt_id 
_struct_conn.pdbx_ptnr3_PDB_ins_code 
_struct_conn.details 
_struct_conn.pdbx_dist_value 
_struct_conn.pdbx_value_order 
_struct_conn.pdbx_role 
hydrog1  hydrog ? ? A DC 1 N3 ? ? ? 1_555 A DG 6 N1 ? ? A DC 1 A DG 6 8_665 ? ? ? ? ? ? WATSON-CRICK ? ? ? 
hydrog2  hydrog ? ? A DC 1 N4 ? ? ? 1_555 A DG 6 O6 ? ? A DC 1 A DG 6 8_665 ? ? ? ? ? ? WATSON-CRICK ? ? ? 
hydrog3  hydrog ? ? A DC 1 O2 ? ? ? 1_555 A DG 6 N2 ? ? A DC 1 A DG 6 8_665 ? ? ? ? ? ? WATSON-CRICK ? ? ? 
hydrog4  hydrog ? ? A DG 2 N1 ? ? ? 1_555 A DC 5 N3 ? ? A DG 2 A DC 5 8_665 ? ? ? ? ? ? WATSON-CRICK ? ? ? 
hydrog5  hydrog ? ? A DG 2 N2 ? ? ? 1_555 A DC 5 O2 ? ? A DG 2 A DC 5 8_665 ? ? ? ? ? ? WATSON-CRICK ? ? ? 
hydrog6  hydrog ? ? A DG 2 O6 ? ? ? 1_555 A DC 5 N4 ? ? A DG 2 A DC 5 8_665 ? ? ? ? ? ? WATSON-CRICK ? ? ? 
hydrog7  hydrog ? ? A DA 3 N1 ? ? ? 1_555 A DT 4 N3 ? ? A DA 3 A DT 4 8_665 ? ? ? ? ? ? WATSON-CRICK ? ? ? 
hydrog8  hydrog ? ? A DA 3 N6 ? ? ? 1_555 A DT 4 O4 ? ? A DA 3 A DT 4 8_665 ? ? ? ? ? ? WATSON-CRICK ? ? ? 
hydrog9  hydrog ? ? A DT 4 N3 ? ? ? 1_555 A DA 3 N1 ? ? A DT 4 A DA 3 8_665 ? ? ? ? ? ? WATSON-CRICK ? ? ? 
hydrog10 hydrog ? ? A DT 4 O4 ? ? ? 1_555 A DA 3 N6 ? ? A DT 4 A DA 3 8_665 ? ? ? ? ? ? WATSON-CRICK ? ? ? 
hydrog11 hydrog ? ? A DC 5 N3 ? ? ? 1_555 A DG 2 N1 ? ? A DC 5 A DG 2 8_665 ? ? ? ? ? ? WATSON-CRICK ? ? ? 
hydrog12 hydrog ? ? A DC 5 N4 ? ? ? 1_555 A DG 2 O6 ? ? A DC 5 A DG 2 8_665 ? ? ? ? ? ? WATSON-CRICK ? ? ? 
hydrog13 hydrog ? ? A DC 5 O2 ? ? ? 1_555 A DG 2 N2 ? ? A DC 5 A DG 2 8_665 ? ? ? ? ? ? WATSON-CRICK ? ? ? 
hydrog14 hydrog ? ? A DG 6 N1 ? ? ? 1_555 A DC 1 N3 ? ? A DG 6 A DC 1 8_665 ? ? ? ? ? ? WATSON-CRICK ? ? ? 
hydrog15 hydrog ? ? A DG 6 N2 ? ? ? 1_555 A DC 1 O2 ? ? A DG 6 A DC 1 8_665 ? ? ? ? ? ? WATSON-CRICK ? ? ? 
hydrog16 hydrog ? ? A DG 6 O6 ? ? ? 1_555 A DC 1 N4 ? ? A DG 6 A DC 1 8_665 ? ? ? ? ? ? WATSON-CRICK ? ? ? 
# 
_struct_conn_type.id          hydrog 
_struct_conn_type.criteria    ? 
_struct_conn_type.reference   ? 
# 
loop_
_struct_site.id 
_struct_site.pdbx_evidence_code 
_struct_site.pdbx_auth_asym_id 
_struct_site.pdbx_auth_comp_id 
_struct_site.pdbx_auth_seq_id 
_struct_site.pdbx_auth_ins_code 
_struct_site.pdbx_num_residues 
_struct_site.details 
AC1 Software A CMD 7 ? 10 'BINDING SITE FOR RESIDUE CMD A 7' 
1   ?        ? ?   ? ? ?  ?                                  
# 
loop_
_struct_site_gen.id 
_struct_site_gen.site_id 
_struct_site_gen.pdbx_num_res 
_struct_site_gen.label_comp_id 
_struct_site_gen.label_asym_id 
_struct_site_gen.label_seq_id 
_struct_site_gen.pdbx_auth_ins_code 
_struct_site_gen.auth_comp_id 
_struct_site_gen.auth_asym_id 
_struct_site_gen.auth_seq_id 
_struct_site_gen.label_atom_id 
_struct_site_gen.label_alt_id 
_struct_site_gen.symmetry 
_struct_site_gen.details 
1  AC1 10 DC  A 1 ? DC  A 1  . ? 8_665 ? 
2  AC1 10 DG  A 2 ? DG  A 2  . ? 8_665 ? 
3  AC1 10 DA  A 3 ? DA  A 3  . ? 8_665 ? 
4  AC1 10 DT  A 4 ? DT  A 4  . ? 1_555 ? 
5  AC1 10 DT  A 4 ? DT  A 4  . ? 8_665 ? 
6  AC1 10 DC  A 5 ? DC  A 5  . ? 1_555 ? 
7  AC1 10 DG  A 6 ? DG  A 6  . ? 1_555 ? 
8  AC1 10 HOH C . ? HOH A 43 . ? 1_555 ? 
9  AC1 10 HOH C . ? HOH A 58 . ? 5_545 ? 
10 AC1 10 HOH C . ? HOH A 61 . ? 1_555 ? 
# 
_pdbx_validate_symm_contact.id                1 
_pdbx_validate_symm_contact.PDB_model_num     1 
_pdbx_validate_symm_contact.auth_atom_id_1    O 
_pdbx_validate_symm_contact.auth_asym_id_1    A 
_pdbx_validate_symm_contact.auth_comp_id_1    HOH 
_pdbx_validate_symm_contact.auth_seq_id_1     67 
_pdbx_validate_symm_contact.PDB_ins_code_1    ? 
_pdbx_validate_symm_contact.label_alt_id_1    ? 
_pdbx_validate_symm_contact.site_symmetry_1   1_555 
_pdbx_validate_symm_contact.auth_atom_id_2    O 
_pdbx_validate_symm_contact.auth_asym_id_2    A 
_pdbx_validate_symm_contact.auth_comp_id_2    HOH 
_pdbx_validate_symm_contact.auth_seq_id_2     67 
_pdbx_validate_symm_contact.PDB_ins_code_2    ? 
_pdbx_validate_symm_contact.label_alt_id_2    ? 
_pdbx_validate_symm_contact.site_symmetry_2   7_555 
_pdbx_validate_symm_contact.dist              1.60 
# 
_pdbx_validate_rmsd_bond.id                        1 
_pdbx_validate_rmsd_bond.PDB_model_num             1 
_pdbx_validate_rmsd_bond.auth_atom_id_1            P 
_pdbx_validate_rmsd_bond.auth_asym_id_1            A 
_pdbx_validate_rmsd_bond.auth_comp_id_1            DC 
_pdbx_validate_rmsd_bond.auth_seq_id_1             5 
_pdbx_validate_rmsd_bond.PDB_ins_code_1            ? 
_pdbx_validate_rmsd_bond.label_alt_id_1            ? 
_pdbx_validate_rmsd_bond.auth_atom_id_2            "O5'" 
_pdbx_validate_rmsd_bond.auth_asym_id_2            A 
_pdbx_validate_rmsd_bond.auth_comp_id_2            DC 
_pdbx_validate_rmsd_bond.auth_seq_id_2             5 
_pdbx_validate_rmsd_bond.PDB_ins_code_2            ? 
_pdbx_validate_rmsd_bond.label_alt_id_2            ? 
_pdbx_validate_rmsd_bond.bond_value                1.659 
_pdbx_validate_rmsd_bond.bond_target_value         1.593 
_pdbx_validate_rmsd_bond.bond_deviation            0.066 
_pdbx_validate_rmsd_bond.bond_standard_deviation   0.010 
_pdbx_validate_rmsd_bond.linker_flag               N 
# 
loop_
_pdbx_validate_rmsd_angle.id 
_pdbx_validate_rmsd_angle.PDB_model_num 
_pdbx_validate_rmsd_angle.auth_atom_id_1 
_pdbx_validate_rmsd_angle.auth_asym_id_1 
_pdbx_validate_rmsd_angle.auth_comp_id_1 
_pdbx_validate_rmsd_angle.auth_seq_id_1 
_pdbx_validate_rmsd_angle.PDB_ins_code_1 
_pdbx_validate_rmsd_angle.label_alt_id_1 
_pdbx_validate_rmsd_angle.auth_atom_id_2 
_pdbx_validate_rmsd_angle.auth_asym_id_2 
_pdbx_validate_rmsd_angle.auth_comp_id_2 
_pdbx_validate_rmsd_angle.auth_seq_id_2 
_pdbx_validate_rmsd_angle.PDB_ins_code_2 
_pdbx_validate_rmsd_angle.label_alt_id_2 
_pdbx_validate_rmsd_angle.auth_atom_id_3 
_pdbx_validate_rmsd_angle.auth_asym_id_3 
_pdbx_validate_rmsd_angle.auth_comp_id_3 
_pdbx_validate_rmsd_angle.auth_seq_id_3 
_pdbx_validate_rmsd_angle.PDB_ins_code_3 
_pdbx_validate_rmsd_angle.label_alt_id_3 
_pdbx_validate_rmsd_angle.angle_value 
_pdbx_validate_rmsd_angle.angle_target_value 
_pdbx_validate_rmsd_angle.angle_deviation 
_pdbx_validate_rmsd_angle.angle_standard_deviation 
_pdbx_validate_rmsd_angle.linker_flag 
1  1 N3    A DC 1 ? ? C4    A DC 1 ? ? C5    A DC 1 ? ? 118.52 121.90 -3.38 0.40 N 
2  1 N1    A DC 1 ? ? C2    A DC 1 ? ? O2    A DC 1 ? ? 122.55 118.90 3.65  0.60 N 
3  1 "O5'" A DG 2 ? ? P     A DG 2 ? ? OP1   A DG 2 ? ? 120.32 110.70 9.62  1.20 N 
4  1 "C3'" A DG 2 ? ? "C2'" A DG 2 ? ? "C1'" A DG 2 ? ? 96.34  102.40 -6.06 0.80 N 
5  1 "O4'" A DG 2 ? ? "C1'" A DG 2 ? ? N9    A DG 2 ? ? 114.92 108.30 6.62  0.30 N 
6  1 N1    A DG 2 ? ? C2    A DG 2 ? ? N2    A DG 2 ? ? 123.46 116.20 7.26  0.90 N 
7  1 N3    A DG 2 ? ? C2    A DG 2 ? ? N2    A DG 2 ? ? 113.03 119.90 -6.87 0.70 N 
8  1 C5    A DG 2 ? ? C6    A DG 2 ? ? O6    A DG 2 ? ? 123.68 128.60 -4.92 0.60 N 
9  1 "O5'" A DA 3 ? ? P     A DA 3 ? ? OP1   A DA 3 ? ? 118.67 110.70 7.97  1.20 N 
10 1 C6    A DA 3 ? ? N1    A DA 3 ? ? C2    A DA 3 ? ? 125.05 118.60 6.45  0.60 N 
11 1 N1    A DA 3 ? ? C2    A DA 3 ? ? N3    A DA 3 ? ? 123.89 129.30 -5.41 0.50 N 
12 1 C5    A DA 3 ? ? C6    A DA 3 ? ? N1    A DA 3 ? ? 113.24 117.70 -4.46 0.50 N 
13 1 "O5'" A DT 4 ? ? P     A DT 4 ? ? OP1   A DT 4 ? ? 122.70 110.70 12.00 1.20 N 
14 1 "C3'" A DT 4 ? ? "O3'" A DT 4 ? ? P     A DC 5 ? ? 132.31 119.70 12.61 1.20 Y 
15 1 "O5'" A DC 5 ? ? "C5'" A DC 5 ? ? "C4'" A DC 5 ? ? 102.78 109.40 -6.62 0.80 N 
16 1 "C3'" A DC 5 ? ? "C2'" A DC 5 ? ? "C1'" A DC 5 ? ? 96.82  102.40 -5.58 0.80 N 
17 1 "O4'" A DC 5 ? ? "C1'" A DC 5 ? ? N1    A DC 5 ? ? 118.62 108.30 10.32 0.30 N 
18 1 C2    A DC 5 ? ? N3    A DC 5 ? ? C4    A DC 5 ? ? 123.39 119.90 3.49  0.50 N 
19 1 "O4'" A DG 6 ? ? "C4'" A DG 6 ? ? "C3'" A DG 6 ? ? 101.69 104.50 -2.81 0.40 N 
20 1 "O4'" A DG 6 ? ? "C1'" A DG 6 ? ? N9    A DG 6 ? ? 111.25 108.30 2.95  0.30 N 
21 1 C5    A DG 6 ? ? C6    A DG 6 ? ? N1    A DG 6 ? ? 115.16 111.50 3.66  0.50 N 
22 1 N3    A DG 6 ? ? C2    A DG 6 ? ? N2    A DG 6 ? ? 115.58 119.90 -4.32 0.70 N 
# 
_struct_site_keywords.site_id   1 
_struct_site_keywords.text      INTERCALATION 
# 
loop_
_chem_comp_atom.comp_id 
_chem_comp_atom.atom_id 
_chem_comp_atom.type_symbol 
_chem_comp_atom.pdbx_aromatic_flag 
_chem_comp_atom.pdbx_stereo_config 
_chem_comp_atom.pdbx_ordinal 
CMD C1     C Y N 1   
CMD C2     C Y N 2   
CMD C3     C Y N 3   
CMD C4     C Y N 4   
CMD O4     O N N 5   
CMD C5     C Y N 6   
CMD C6     C N N 7   
CMD O6     O N N 8   
CMD C7     C Y N 9   
CMD C8     C Y N 10  
CMD O8     O N N 11  
CMD C9     C Y N 12  
CMD C10    C N S 13  
CMD O10    O N N 14  
CMD C11    C N N 15  
CMD C12    C N S 16  
CMD O12    O N N 17  
CMD C13    C N N 18  
CMD O13    O N N 19  
CMD C14    C N N 20  
CMD O14    O N N 21  
CMD C15    C N N 22  
CMD C16    C Y N 23  
CMD C17    C Y N 24  
CMD O17    O N N 25  
CMD C18    C Y N 26  
CMD C19    C N N 27  
CMD O19    O N N 28  
CMD C20    C Y N 29  
CMD C21    C N N 30  
CMD "C1'"  C N R 31  
CMD "C2'"  C N N 32  
CMD "C3'"  C N S 33  
CMD "C4'"  C N S 34  
CMD "O4'"  O N N 35  
CMD "C5'"  C N S 36  
CMD "O5'"  O N N 37  
CMD "C6'"  C N N 38  
CMD "N3'"  N N N 39  
CMD C33    C N S 40  
CMD C23    C N N 41  
CMD O16    O N N 42  
CMD C63    C N N 43  
CMD C53    C N N 44  
CMD C73    C N N 45  
CMD N73    N N N 46  
CMD H1     H N N 47  
CMD H2     H N N 48  
CMD H3     H N N 49  
CMD HO8    H N N 50  
CMD H10    H N N 51  
CMD H111   H N N 52  
CMD H112   H N N 53  
CMD HO12   H N N 54  
CMD H141   H N N 55  
CMD H142   H N N 56  
CMD HO14   H N N 57  
CMD H151   H N N 58  
CMD H152   H N N 59  
CMD HO17   H N N 60  
CMD H211   H N N 61  
CMD H212   H N N 62  
CMD H213   H N N 63  
CMD "H1'"  H N N 64  
CMD "H2'1" H N N 65  
CMD "H2'2" H N N 66  
CMD "H3'"  H N N 67  
CMD "H4'"  H N N 68  
CMD "HO4'" H N N 69  
CMD "H5'"  H N N 70  
CMD "H6'1" H N N 71  
CMD "H6'2" H N N 72  
CMD "H6'3" H N N 73  
CMD H33    H N N 74  
CMD H231   H N N 75  
CMD H232   H N N 76  
CMD H631   H N N 77  
CMD H632   H N N 78  
CMD H531   H N N 79  
CMD H532   H N N 80  
DA  OP3    O N N 81  
DA  P      P N N 82  
DA  OP1    O N N 83  
DA  OP2    O N N 84  
DA  "O5'"  O N N 85  
DA  "C5'"  C N N 86  
DA  "C4'"  C N R 87  
DA  "O4'"  O N N 88  
DA  "C3'"  C N S 89  
DA  "O3'"  O N N 90  
DA  "C2'"  C N N 91  
DA  "C1'"  C N R 92  
DA  N9     N Y N 93  
DA  C8     C Y N 94  
DA  N7     N Y N 95  
DA  C5     C Y N 96  
DA  C6     C Y N 97  
DA  N6     N N N 98  
DA  N1     N Y N 99  
DA  C2     C Y N 100 
DA  N3     N Y N 101 
DA  C4     C Y N 102 
DA  HOP3   H N N 103 
DA  HOP2   H N N 104 
DA  "H5'"  H N N 105 
DA  "H5''" H N N 106 
DA  "H4'"  H N N 107 
DA  "H3'"  H N N 108 
DA  "HO3'" H N N 109 
DA  "H2'"  H N N 110 
DA  "H2''" H N N 111 
DA  "H1'"  H N N 112 
DA  H8     H N N 113 
DA  H61    H N N 114 
DA  H62    H N N 115 
DA  H2     H N N 116 
DC  OP3    O N N 117 
DC  P      P N N 118 
DC  OP1    O N N 119 
DC  OP2    O N N 120 
DC  "O5'"  O N N 121 
DC  "C5'"  C N N 122 
DC  "C4'"  C N R 123 
DC  "O4'"  O N N 124 
DC  "C3'"  C N S 125 
DC  "O3'"  O N N 126 
DC  "C2'"  C N N 127 
DC  "C1'"  C N R 128 
DC  N1     N N N 129 
DC  C2     C N N 130 
DC  O2     O N N 131 
DC  N3     N N N 132 
DC  C4     C N N 133 
DC  N4     N N N 134 
DC  C5     C N N 135 
DC  C6     C N N 136 
DC  HOP3   H N N 137 
DC  HOP2   H N N 138 
DC  "H5'"  H N N 139 
DC  "H5''" H N N 140 
DC  "H4'"  H N N 141 
DC  "H3'"  H N N 142 
DC  "HO3'" H N N 143 
DC  "H2'"  H N N 144 
DC  "H2''" H N N 145 
DC  "H1'"  H N N 146 
DC  H41    H N N 147 
DC  H42    H N N 148 
DC  H5     H N N 149 
DC  H6     H N N 150 
DG  OP3    O N N 151 
DG  P      P N N 152 
DG  OP1    O N N 153 
DG  OP2    O N N 154 
DG  "O5'"  O N N 155 
DG  "C5'"  C N N 156 
DG  "C4'"  C N R 157 
DG  "O4'"  O N N 158 
DG  "C3'"  C N S 159 
DG  "O3'"  O N N 160 
DG  "C2'"  C N N 161 
DG  "C1'"  C N R 162 
DG  N9     N Y N 163 
DG  C8     C Y N 164 
DG  N7     N Y N 165 
DG  C5     C Y N 166 
DG  C6     C N N 167 
DG  O6     O N N 168 
DG  N1     N N N 169 
DG  C2     C N N 170 
DG  N2     N N N 171 
DG  N3     N N N 172 
DG  C4     C Y N 173 
DG  HOP3   H N N 174 
DG  HOP2   H N N 175 
DG  "H5'"  H N N 176 
DG  "H5''" H N N 177 
DG  "H4'"  H N N 178 
DG  "H3'"  H N N 179 
DG  "HO3'" H N N 180 
DG  "H2'"  H N N 181 
DG  "H2''" H N N 182 
DG  "H1'"  H N N 183 
DG  H8     H N N 184 
DG  H1     H N N 185 
DG  H21    H N N 186 
DG  H22    H N N 187 
DT  OP3    O N N 188 
DT  P      P N N 189 
DT  OP1    O N N 190 
DT  OP2    O N N 191 
DT  "O5'"  O N N 192 
DT  "C5'"  C N N 193 
DT  "C4'"  C N R 194 
DT  "O4'"  O N N 195 
DT  "C3'"  C N S 196 
DT  "O3'"  O N N 197 
DT  "C2'"  C N N 198 
DT  "C1'"  C N R 199 
DT  N1     N N N 200 
DT  C2     C N N 201 
DT  O2     O N N 202 
DT  N3     N N N 203 
DT  C4     C N N 204 
DT  O4     O N N 205 
DT  C5     C N N 206 
DT  C7     C N N 207 
DT  C6     C N N 208 
DT  HOP3   H N N 209 
DT  HOP2   H N N 210 
DT  "H5'"  H N N 211 
DT  "H5''" H N N 212 
DT  "H4'"  H N N 213 
DT  "H3'"  H N N 214 
DT  "HO3'" H N N 215 
DT  "H2'"  H N N 216 
DT  "H2''" H N N 217 
DT  "H1'"  H N N 218 
DT  H3     H N N 219 
DT  H71    H N N 220 
DT  H72    H N N 221 
DT  H73    H N N 222 
DT  H6     H N N 223 
HOH O      O N N 224 
HOH H1     H N N 225 
HOH H2     H N N 226 
# 
loop_
_chem_comp_bond.comp_id 
_chem_comp_bond.atom_id_1 
_chem_comp_bond.atom_id_2 
_chem_comp_bond.value_order 
_chem_comp_bond.pdbx_aromatic_flag 
_chem_comp_bond.pdbx_stereo_config 
_chem_comp_bond.pdbx_ordinal 
CMD C1    C2     doub Y N 1   
CMD C1    C20    sing Y N 2   
CMD C1    H1     sing N N 3   
CMD C2    C3     sing Y N 4   
CMD C2    H2     sing N N 5   
CMD C3    C4     doub Y N 6   
CMD C3    H3     sing N N 7   
CMD C4    O4     sing N N 8   
CMD C4    C5     sing Y N 9   
CMD O4    C21    sing N N 10  
CMD C5    C6     sing N N 11  
CMD C5    C20    doub Y N 12  
CMD C6    O6     doub N N 13  
CMD C6    C7     sing N N 14  
CMD C7    C8     doub Y N 15  
CMD C7    C18    sing Y N 16  
CMD C8    O8     sing N N 17  
CMD C8    C9     sing Y N 18  
CMD O8    HO8    sing N N 19  
CMD C9    C10    sing N N 20  
CMD C9    C16    doub Y N 21  
CMD C10   O10    sing N N 22  
CMD C10   C11    sing N N 23  
CMD C10   H10    sing N N 24  
CMD O10   "C1'"  sing N N 25  
CMD C11   C12    sing N N 26  
CMD C11   H111   sing N N 27  
CMD C11   H112   sing N N 28  
CMD C12   O12    sing N N 29  
CMD C12   C13    sing N N 30  
CMD C12   C15    sing N N 31  
CMD O12   HO12   sing N N 32  
CMD C13   O13    doub N N 33  
CMD C13   C14    sing N N 34  
CMD C14   O14    sing N N 35  
CMD C14   H141   sing N N 36  
CMD C14   H142   sing N N 37  
CMD O14   HO14   sing N N 38  
CMD C15   C16    sing N N 39  
CMD C15   H151   sing N N 40  
CMD C15   H152   sing N N 41  
CMD C16   C17    sing Y N 42  
CMD C17   O17    sing N N 43  
CMD C17   C18    doub Y N 44  
CMD O17   HO17   sing N N 45  
CMD C18   C19    sing N N 46  
CMD C19   O19    doub N N 47  
CMD C19   C20    sing N N 48  
CMD C21   H211   sing N N 49  
CMD C21   H212   sing N N 50  
CMD C21   H213   sing N N 51  
CMD "C1'" "C2'"  sing N N 52  
CMD "C1'" "O5'"  sing N N 53  
CMD "C1'" "H1'"  sing N N 54  
CMD "C2'" "C3'"  sing N N 55  
CMD "C2'" "H2'1" sing N N 56  
CMD "C2'" "H2'2" sing N N 57  
CMD "C3'" "C4'"  sing N N 58  
CMD "C3'" "N3'"  sing N N 59  
CMD "C3'" "H3'"  sing N N 60  
CMD "C4'" "O4'"  sing N N 61  
CMD "C4'" "C5'"  sing N N 62  
CMD "C4'" "H4'"  sing N N 63  
CMD "O4'" "HO4'" sing N N 64  
CMD "C5'" "O5'"  sing N N 65  
CMD "C5'" "C6'"  sing N N 66  
CMD "C5'" "H5'"  sing N N 67  
CMD "C6'" "H6'1" sing N N 68  
CMD "C6'" "H6'2" sing N N 69  
CMD "C6'" "H6'3" sing N N 70  
CMD "N3'" C33    sing N N 71  
CMD "N3'" C53    sing N N 72  
CMD C33   C23    sing N N 73  
CMD C33   C73    sing N N 74  
CMD C33   H33    sing N N 75  
CMD C23   O16    sing N N 76  
CMD C23   H231   sing N N 77  
CMD C23   H232   sing N N 78  
CMD O16   C63    sing N N 79  
CMD C63   C53    sing N N 80  
CMD C63   H631   sing N N 81  
CMD C63   H632   sing N N 82  
CMD C53   H531   sing N N 83  
CMD C53   H532   sing N N 84  
CMD C73   N73    trip N N 85  
DA  OP3   P      sing N N 86  
DA  OP3   HOP3   sing N N 87  
DA  P     OP1    doub N N 88  
DA  P     OP2    sing N N 89  
DA  P     "O5'"  sing N N 90  
DA  OP2   HOP2   sing N N 91  
DA  "O5'" "C5'"  sing N N 92  
DA  "C5'" "C4'"  sing N N 93  
DA  "C5'" "H5'"  sing N N 94  
DA  "C5'" "H5''" sing N N 95  
DA  "C4'" "O4'"  sing N N 96  
DA  "C4'" "C3'"  sing N N 97  
DA  "C4'" "H4'"  sing N N 98  
DA  "O4'" "C1'"  sing N N 99  
DA  "C3'" "O3'"  sing N N 100 
DA  "C3'" "C2'"  sing N N 101 
DA  "C3'" "H3'"  sing N N 102 
DA  "O3'" "HO3'" sing N N 103 
DA  "C2'" "C1'"  sing N N 104 
DA  "C2'" "H2'"  sing N N 105 
DA  "C2'" "H2''" sing N N 106 
DA  "C1'" N9     sing N N 107 
DA  "C1'" "H1'"  sing N N 108 
DA  N9    C8     sing Y N 109 
DA  N9    C4     sing Y N 110 
DA  C8    N7     doub Y N 111 
DA  C8    H8     sing N N 112 
DA  N7    C5     sing Y N 113 
DA  C5    C6     sing Y N 114 
DA  C5    C4     doub Y N 115 
DA  C6    N6     sing N N 116 
DA  C6    N1     doub Y N 117 
DA  N6    H61    sing N N 118 
DA  N6    H62    sing N N 119 
DA  N1    C2     sing Y N 120 
DA  C2    N3     doub Y N 121 
DA  C2    H2     sing N N 122 
DA  N3    C4     sing Y N 123 
DC  OP3   P      sing N N 124 
DC  OP3   HOP3   sing N N 125 
DC  P     OP1    doub N N 126 
DC  P     OP2    sing N N 127 
DC  P     "O5'"  sing N N 128 
DC  OP2   HOP2   sing N N 129 
DC  "O5'" "C5'"  sing N N 130 
DC  "C5'" "C4'"  sing N N 131 
DC  "C5'" "H5'"  sing N N 132 
DC  "C5'" "H5''" sing N N 133 
DC  "C4'" "O4'"  sing N N 134 
DC  "C4'" "C3'"  sing N N 135 
DC  "C4'" "H4'"  sing N N 136 
DC  "O4'" "C1'"  sing N N 137 
DC  "C3'" "O3'"  sing N N 138 
DC  "C3'" "C2'"  sing N N 139 
DC  "C3'" "H3'"  sing N N 140 
DC  "O3'" "HO3'" sing N N 141 
DC  "C2'" "C1'"  sing N N 142 
DC  "C2'" "H2'"  sing N N 143 
DC  "C2'" "H2''" sing N N 144 
DC  "C1'" N1     sing N N 145 
DC  "C1'" "H1'"  sing N N 146 
DC  N1    C2     sing N N 147 
DC  N1    C6     sing N N 148 
DC  C2    O2     doub N N 149 
DC  C2    N3     sing N N 150 
DC  N3    C4     doub N N 151 
DC  C4    N4     sing N N 152 
DC  C4    C5     sing N N 153 
DC  N4    H41    sing N N 154 
DC  N4    H42    sing N N 155 
DC  C5    C6     doub N N 156 
DC  C5    H5     sing N N 157 
DC  C6    H6     sing N N 158 
DG  OP3   P      sing N N 159 
DG  OP3   HOP3   sing N N 160 
DG  P     OP1    doub N N 161 
DG  P     OP2    sing N N 162 
DG  P     "O5'"  sing N N 163 
DG  OP2   HOP2   sing N N 164 
DG  "O5'" "C5'"  sing N N 165 
DG  "C5'" "C4'"  sing N N 166 
DG  "C5'" "H5'"  sing N N 167 
DG  "C5'" "H5''" sing N N 168 
DG  "C4'" "O4'"  sing N N 169 
DG  "C4'" "C3'"  sing N N 170 
DG  "C4'" "H4'"  sing N N 171 
DG  "O4'" "C1'"  sing N N 172 
DG  "C3'" "O3'"  sing N N 173 
DG  "C3'" "C2'"  sing N N 174 
DG  "C3'" "H3'"  sing N N 175 
DG  "O3'" "HO3'" sing N N 176 
DG  "C2'" "C1'"  sing N N 177 
DG  "C2'" "H2'"  sing N N 178 
DG  "C2'" "H2''" sing N N 179 
DG  "C1'" N9     sing N N 180 
DG  "C1'" "H1'"  sing N N 181 
DG  N9    C8     sing Y N 182 
DG  N9    C4     sing Y N 183 
DG  C8    N7     doub Y N 184 
DG  C8    H8     sing N N 185 
DG  N7    C5     sing Y N 186 
DG  C5    C6     sing N N 187 
DG  C5    C4     doub Y N 188 
DG  C6    O6     doub N N 189 
DG  C6    N1     sing N N 190 
DG  N1    C2     sing N N 191 
DG  N1    H1     sing N N 192 
DG  C2    N2     sing N N 193 
DG  C2    N3     doub N N 194 
DG  N2    H21    sing N N 195 
DG  N2    H22    sing N N 196 
DG  N3    C4     sing N N 197 
DT  OP3   P      sing N N 198 
DT  OP3   HOP3   sing N N 199 
DT  P     OP1    doub N N 200 
DT  P     OP2    sing N N 201 
DT  P     "O5'"  sing N N 202 
DT  OP2   HOP2   sing N N 203 
DT  "O5'" "C5'"  sing N N 204 
DT  "C5'" "C4'"  sing N N 205 
DT  "C5'" "H5'"  sing N N 206 
DT  "C5'" "H5''" sing N N 207 
DT  "C4'" "O4'"  sing N N 208 
DT  "C4'" "C3'"  sing N N 209 
DT  "C4'" "H4'"  sing N N 210 
DT  "O4'" "C1'"  sing N N 211 
DT  "C3'" "O3'"  sing N N 212 
DT  "C3'" "C2'"  sing N N 213 
DT  "C3'" "H3'"  sing N N 214 
DT  "O3'" "HO3'" sing N N 215 
DT  "C2'" "C1'"  sing N N 216 
DT  "C2'" "H2'"  sing N N 217 
DT  "C2'" "H2''" sing N N 218 
DT  "C1'" N1     sing N N 219 
DT  "C1'" "H1'"  sing N N 220 
DT  N1    C2     sing N N 221 
DT  N1    C6     sing N N 222 
DT  C2    O2     doub N N 223 
DT  C2    N3     sing N N 224 
DT  N3    C4     sing N N 225 
DT  N3    H3     sing N N 226 
DT  C4    O4     doub N N 227 
DT  C4    C5     sing N N 228 
DT  C5    C7     sing N N 229 
DT  C5    C6     doub N N 230 
DT  C7    H71    sing N N 231 
DT  C7    H72    sing N N 232 
DT  C7    H73    sing N N 233 
DT  C6    H6     sing N N 234 
HOH O     H1     sing N N 235 
HOH O     H2     sing N N 236 
# 
_ndb_struct_conf_na.entry_id   236D 
_ndb_struct_conf_na.feature    'b-form double helix' 
# 
loop_
_ndb_struct_na_base_pair.model_number 
_ndb_struct_na_base_pair.i_label_asym_id 
_ndb_struct_na_base_pair.i_label_comp_id 
_ndb_struct_na_base_pair.i_label_seq_id 
_ndb_struct_na_base_pair.i_symmetry 
_ndb_struct_na_base_pair.j_label_asym_id 
_ndb_struct_na_base_pair.j_label_comp_id 
_ndb_struct_na_base_pair.j_label_seq_id 
_ndb_struct_na_base_pair.j_symmetry 
_ndb_struct_na_base_pair.shear 
_ndb_struct_na_base_pair.stretch 
_ndb_struct_na_base_pair.stagger 
_ndb_struct_na_base_pair.buckle 
_ndb_struct_na_base_pair.propeller 
_ndb_struct_na_base_pair.opening 
_ndb_struct_na_base_pair.pair_number 
_ndb_struct_na_base_pair.pair_name 
_ndb_struct_na_base_pair.i_auth_asym_id 
_ndb_struct_na_base_pair.i_auth_seq_id 
_ndb_struct_na_base_pair.i_PDB_ins_code 
_ndb_struct_na_base_pair.j_auth_asym_id 
_ndb_struct_na_base_pair.j_auth_seq_id 
_ndb_struct_na_base_pair.j_PDB_ins_code 
_ndb_struct_na_base_pair.hbond_type_28 
_ndb_struct_na_base_pair.hbond_type_12 
1 A DC 1 1_555 A DG 6 8_665 0.114  -0.138 0.095  7.154   -0.087 -0.379 1 A_DC1:DG6_A A 1 ? A 6 ? 19 1 
1 A DG 2 1_555 A DC 5 8_665 -0.075 -0.324 -0.153 -13.543 1.607  0.306  2 A_DG2:DC5_A A 2 ? A 5 ? 19 1 
1 A DA 3 1_555 A DT 4 8_665 0.318  -0.153 -0.193 -9.483  -1.999 3.796  3 A_DA3:DT4_A A 3 ? A 4 ? 20 1 
1 A DT 4 1_555 A DA 3 8_665 -0.318 -0.153 -0.193 9.483   -1.999 3.796  4 A_DT4:DA3_A A 4 ? A 3 ? 20 1 
1 A DC 5 1_555 A DG 2 8_665 0.075  -0.324 -0.153 13.543  1.607  0.306  5 A_DC5:DG2_A A 5 ? A 2 ? 19 1 
1 A DG 6 1_555 A DC 1 8_665 -0.114 -0.138 0.095  -7.154  -0.087 -0.379 6 A_DG6:DC1_A A 6 ? A 1 ? 19 1 
# 
loop_
_ndb_struct_na_base_pair_step.model_number 
_ndb_struct_na_base_pair_step.i_label_asym_id_1 
_ndb_struct_na_base_pair_step.i_label_comp_id_1 
_ndb_struct_na_base_pair_step.i_label_seq_id_1 
_ndb_struct_na_base_pair_step.i_symmetry_1 
_ndb_struct_na_base_pair_step.j_label_asym_id_1 
_ndb_struct_na_base_pair_step.j_label_comp_id_1 
_ndb_struct_na_base_pair_step.j_label_seq_id_1 
_ndb_struct_na_base_pair_step.j_symmetry_1 
_ndb_struct_na_base_pair_step.i_label_asym_id_2 
_ndb_struct_na_base_pair_step.i_label_comp_id_2 
_ndb_struct_na_base_pair_step.i_label_seq_id_2 
_ndb_struct_na_base_pair_step.i_symmetry_2 
_ndb_struct_na_base_pair_step.j_label_asym_id_2 
_ndb_struct_na_base_pair_step.j_label_comp_id_2 
_ndb_struct_na_base_pair_step.j_label_seq_id_2 
_ndb_struct_na_base_pair_step.j_symmetry_2 
_ndb_struct_na_base_pair_step.shift 
_ndb_struct_na_base_pair_step.slide 
_ndb_struct_na_base_pair_step.rise 
_ndb_struct_na_base_pair_step.tilt 
_ndb_struct_na_base_pair_step.roll 
_ndb_struct_na_base_pair_step.twist 
_ndb_struct_na_base_pair_step.x_displacement 
_ndb_struct_na_base_pair_step.y_displacement 
_ndb_struct_na_base_pair_step.helical_rise 
_ndb_struct_na_base_pair_step.inclination 
_ndb_struct_na_base_pair_step.tip 
_ndb_struct_na_base_pair_step.helical_twist 
_ndb_struct_na_base_pair_step.step_number 
_ndb_struct_na_base_pair_step.step_name 
_ndb_struct_na_base_pair_step.i_auth_asym_id_1 
_ndb_struct_na_base_pair_step.i_auth_seq_id_1 
_ndb_struct_na_base_pair_step.i_PDB_ins_code_1 
_ndb_struct_na_base_pair_step.j_auth_asym_id_1 
_ndb_struct_na_base_pair_step.j_auth_seq_id_1 
_ndb_struct_na_base_pair_step.j_PDB_ins_code_1 
_ndb_struct_na_base_pair_step.i_auth_asym_id_2 
_ndb_struct_na_base_pair_step.i_auth_seq_id_2 
_ndb_struct_na_base_pair_step.i_PDB_ins_code_2 
_ndb_struct_na_base_pair_step.j_auth_asym_id_2 
_ndb_struct_na_base_pair_step.j_auth_seq_id_2 
_ndb_struct_na_base_pair_step.j_PDB_ins_code_2 
1 A DC 1 1_555 A DG 6 8_665 A DG 2 1_555 A DC 5 8_665 1.151  0.936  7.012 1.891  -3.157 36.161 2.443  -1.281 6.958 -5.070 -3.037 
36.341 1 AA_DC1DG2:DC5DG6_AA A 1 ? A 6 ? A 2 ? A 5 ? 
1 A DG 2 1_555 A DC 5 8_665 A DA 3 1_555 A DT 4 8_665 -1.019 0.458  3.367 -1.843 2.120  32.936 0.432  1.466  3.439 3.731  3.243  
33.052 2 AA_DG2DA3:DT4DC5_AA A 2 ? A 5 ? A 3 ? A 4 ? 
1 A DA 3 1_555 A DT 4 8_665 A DT 4 1_555 A DA 3 8_665 0.000  -0.286 2.977 0.000  3.660  26.384 -1.488 0.000  2.912 7.971  0.000  
26.632 3 AA_DA3DT4:DA3DT4_AA A 3 ? A 4 ? A 4 ? A 3 ? 
1 A DT 4 1_555 A DA 3 8_665 A DC 5 1_555 A DG 2 8_665 1.019  0.458  3.367 1.843  2.120  32.936 0.432  -1.466 3.439 3.731  -3.243 
33.052 4 AA_DT4DC5:DG2DA3_AA A 4 ? A 3 ? A 5 ? A 2 ? 
1 A DC 5 1_555 A DG 2 8_665 A DG 6 1_555 A DC 1 8_665 -1.151 0.936  7.012 -1.891 -3.157 36.161 2.443  1.281  6.958 -5.070 3.037  
36.341 5 AA_DC5DG6:DC1DG2_AA A 5 ? A 2 ? A 6 ? A 1 ? 
# 
_atom_sites.entry_id                    236D 
_atom_sites.fract_transf_matrix[1][1]   -0.03151880 
_atom_sites.fract_transf_matrix[1][2]   -0.00527964 
_atom_sites.fract_transf_matrix[1][3]   -0.01540942 
_atom_sites.fract_transf_matrix[2][1]   -0.00117914 
_atom_sites.fract_transf_matrix[2][2]   -0.03273601 
_atom_sites.fract_transf_matrix[2][3]   0.01362801 
_atom_sites.fract_transf_matrix[3][1]   -0.00858254 
_atom_sites.fract_transf_matrix[3][2]   0.00666640 
_atom_sites.fract_transf_matrix[3][3]   0.01527086 
_atom_sites.fract_transf_vector[1]      0.568988 
_atom_sites.fract_transf_vector[2]      0.522972 
_atom_sites.fract_transf_vector[3]      0.184535 
# 
loop_
_atom_type.symbol 
C 
N 
O 
P 
# 
loop_
_atom_site.group_PDB 
_atom_site.id 
_atom_site.type_symbol 
_atom_site.label_atom_id 
_atom_site.label_alt_id 
_atom_site.label_comp_id 
_atom_site.label_asym_id 
_atom_site.label_entity_id 
_atom_site.label_seq_id 
_atom_site.pdbx_PDB_ins_code 
_atom_site.Cartn_x 
_atom_site.Cartn_y 
_atom_site.Cartn_z 
_atom_site.occupancy 
_atom_site.B_iso_or_equiv 
_atom_site.pdbx_formal_charge 
_atom_site.auth_seq_id 
_atom_site.auth_comp_id 
_atom_site.auth_asym_id 
_atom_site.auth_atom_id 
_atom_site.pdbx_PDB_model_num 
ATOM   1   O "O5'" . DC  A 1 1 ? -0.487  0.527   15.897  1.00 11.28 ? 1  DC  A "O5'" 1 
ATOM   2   C "C5'" . DC  A 1 1 ? -1.295  -0.493  16.530  1.00 11.04 ? 1  DC  A "C5'" 1 
ATOM   3   C "C4'" . DC  A 1 1 ? -2.734  -0.164  16.153  1.00 11.02 ? 1  DC  A "C4'" 1 
ATOM   4   O "O4'" . DC  A 1 1 ? -3.007  1.186   16.341  1.00 10.67 ? 1  DC  A "O4'" 1 
ATOM   5   C "C3'" . DC  A 1 1 ? -3.075  -0.504  14.696  1.00 10.97 ? 1  DC  A "C3'" 1 
ATOM   6   O "O3'" . DC  A 1 1 ? -4.144  -1.447  14.683  1.00 11.85 ? 1  DC  A "O3'" 1 
ATOM   7   C "C2'" . DC  A 1 1 ? -3.488  0.813   14.091  1.00 10.70 ? 1  DC  A "C2'" 1 
ATOM   8   C "C1'" . DC  A 1 1 ? -3.864  1.670   15.294  1.00 10.25 ? 1  DC  A "C1'" 1 
ATOM   9   N N1    . DC  A 1 1 ? -3.511  3.067   15.014  1.00 9.88  ? 1  DC  A N1    1 
ATOM   10  C C2    . DC  A 1 1 ? -4.394  3.851   14.319  1.00 9.54  ? 1  DC  A C2    1 
ATOM   11  O O2    . DC  A 1 1 ? -5.501  3.452   13.975  1.00 9.32  ? 1  DC  A O2    1 
ATOM   12  N N3    . DC  A 1 1 ? -4.024  5.136   14.031  1.00 9.30  ? 1  DC  A N3    1 
ATOM   13  C C4    . DC  A 1 1 ? -2.844  5.652   14.398  1.00 9.48  ? 1  DC  A C4    1 
ATOM   14  N N4    . DC  A 1 1 ? -2.549  6.914   14.078  1.00 9.45  ? 1  DC  A N4    1 
ATOM   15  C C5    . DC  A 1 1 ? -1.937  4.828   15.123  1.00 9.66  ? 1  DC  A C5    1 
ATOM   16  C C6    . DC  A 1 1 ? -2.278  3.567   15.397  1.00 9.70  ? 1  DC  A C6    1 
ATOM   17  P P     . DG  A 1 2 ? -4.069  -2.917  14.019  1.00 15.28 ? 2  DG  A P     1 
ATOM   18  O OP1   . DG  A 1 2 ? -5.211  -3.512  14.691  1.00 12.86 ? 2  DG  A OP1   1 
ATOM   19  O OP2   . DG  A 1 2 ? -2.696  -3.375  14.277  1.00 13.51 ? 2  DG  A OP2   1 
ATOM   20  O "O5'" . DG  A 1 2 ? -4.162  -2.510  12.486  1.00 11.26 ? 2  DG  A "O5'" 1 
ATOM   21  C "C5'" . DG  A 1 2 ? -5.468  -2.321  11.932  1.00 11.29 ? 2  DG  A "C5'" 1 
ATOM   22  C "C4'" . DG  A 1 2 ? -5.254  -1.853  10.505  1.00 11.16 ? 2  DG  A "C4'" 1 
ATOM   23  O "O4'" . DG  A 1 2 ? -4.483  -0.682  10.531  1.00 10.60 ? 2  DG  A "O4'" 1 
ATOM   24  C "C3'" . DG  A 1 2 ? -4.497  -2.825  9.587   1.00 11.06 ? 2  DG  A "C3'" 1 
ATOM   25  O "O3'" . DG  A 1 2 ? -5.147  -2.939  8.296   1.00 12.21 ? 2  DG  A "O3'" 1 
ATOM   26  C "C2'" . DG  A 1 2 ? -3.121  -2.205  9.428   1.00 10.86 ? 2  DG  A "C2'" 1 
ATOM   27  C "C1'" . DG  A 1 2 ? -3.601  -0.735  9.381   1.00 9.84  ? 2  DG  A "C1'" 1 
ATOM   28  N N9    . DG  A 1 2 ? -2.475  0.183   9.430   1.00 9.37  ? 2  DG  A N9    1 
ATOM   29  C C8    . DG  A 1 2 ? -1.271  -0.007  10.098  1.00 8.75  ? 2  DG  A C8    1 
ATOM   30  N N7    . DG  A 1 2 ? -0.443  0.991   9.924   1.00 8.90  ? 2  DG  A N7    1 
ATOM   31  C C5    . DG  A 1 2 ? -1.095  1.867   9.096   1.00 8.68  ? 2  DG  A C5    1 
ATOM   32  C C6    . DG  A 1 2 ? -0.740  3.148   8.573   1.00 8.57  ? 2  DG  A C6    1 
ATOM   33  O O6    . DG  A 1 2 ? 0.365   3.710   8.792   1.00 8.79  ? 2  DG  A O6    1 
ATOM   34  N N1    . DG  A 1 2 ? -1.716  3.724   7.838   1.00 8.22  ? 2  DG  A N1    1 
ATOM   35  C C2    . DG  A 1 2 ? -2.889  3.146   7.530   1.00 8.02  ? 2  DG  A C2    1 
ATOM   36  N N2    . DG  A 1 2 ? -3.811  3.719   6.741   1.00 7.48  ? 2  DG  A N2    1 
ATOM   37  N N3    . DG  A 1 2 ? -3.276  1.952   8.011   1.00 8.25  ? 2  DG  A N3    1 
ATOM   38  C C4    . DG  A 1 2 ? -2.341  1.387   8.776   1.00 8.78  ? 2  DG  A C4    1 
ATOM   39  P P     . DA  A 1 3 ? -5.709  -4.257  7.658   1.00 15.63 ? 3  DA  A P     1 
ATOM   40  O OP1   . DA  A 1 3 ? -6.578  -4.999  8.580   1.00 14.34 ? 3  DA  A OP1   1 
ATOM   41  O OP2   . DA  A 1 3 ? -4.335  -4.872  7.480   1.00 16.50 ? 3  DA  A OP2   1 
ATOM   42  O "O5'" . DA  A 1 3 ? -6.301  -3.795  6.258   1.00 12.35 ? 3  DA  A "O5'" 1 
ATOM   43  C "C5'" . DA  A 1 3 ? -7.426  -2.855  6.421   1.00 11.52 ? 3  DA  A "C5'" 1 
ATOM   44  C "C4'" . DA  A 1 3 ? -7.233  -1.822  5.332   1.00 11.28 ? 3  DA  A "C4'" 1 
ATOM   45  O "O4'" . DA  A 1 3 ? -6.193  -0.930  5.671   1.00 10.75 ? 3  DA  A "O4'" 1 
ATOM   46  C "C3'" . DA  A 1 3 ? -6.868  -2.439  3.979   1.00 11.38 ? 3  DA  A "C3'" 1 
ATOM   47  O "O3'" . DA  A 1 3 ? -7.921  -2.265  3.050   1.00 11.74 ? 3  DA  A "O3'" 1 
ATOM   48  C "C2'" . DA  A 1 3 ? -5.578  -1.753  3.586   1.00 11.10 ? 3  DA  A "C2'" 1 
ATOM   49  C "C1'" . DA  A 1 3 ? -5.449  -0.572  4.466   1.00 10.40 ? 3  DA  A "C1'" 1 
ATOM   50  N N9    . DA  A 1 3 ? -4.069  -0.320  4.876   1.00 9.84  ? 3  DA  A N9    1 
ATOM   51  C C8    . DA  A 1 3 ? -3.331  -1.169  5.662   1.00 9.81  ? 3  DA  A C8    1 
ATOM   52  N N7    . DA  A 1 3 ? -2.125  -0.749  5.914   1.00 9.65  ? 3  DA  A N7    1 
ATOM   53  C C5    . DA  A 1 3 ? -2.063  0.487   5.272   1.00 9.38  ? 3  DA  A C5    1 
ATOM   54  C C6    . DA  A 1 3 ? -1.039  1.453   5.202   1.00 9.13  ? 3  DA  A C6    1 
ATOM   55  N N6    . DA  A 1 3 ? 0.159   1.388   5.767   1.00 9.03  ? 3  DA  A N6    1 
ATOM   56  N N1    . DA  A 1 3 ? -1.385  2.545   4.486   1.00 8.78  ? 3  DA  A N1    1 
ATOM   57  C C2    . DA  A 1 3 ? -2.572  2.731   3.889   1.00 8.89  ? 3  DA  A C2    1 
ATOM   58  N N3    . DA  A 1 3 ? -3.569  1.853   3.934   1.00 9.11  ? 3  DA  A N3    1 
ATOM   59  C C4    . DA  A 1 3 ? -3.254  0.765   4.639   1.00 9.47  ? 3  DA  A C4    1 
ATOM   60  P P     . DT  A 1 4 ? -7.668  -2.809  1.537   1.00 16.50 ? 4  DT  A P     1 
ATOM   61  O OP1   . DT  A 1 4 ? -9.083  -3.163  1.297   1.00 17.21 ? 4  DT  A OP1   1 
ATOM   62  O OP2   . DT  A 1 4 ? -6.655  -3.856  1.699   1.00 16.83 ? 4  DT  A OP2   1 
ATOM   63  O "O5'" . DT  A 1 4 ? -7.017  -1.491  0.980   1.00 13.98 ? 4  DT  A "O5'" 1 
ATOM   64  C "C5'" . DT  A 1 4 ? -7.592  -0.210  0.773   1.00 13.60 ? 4  DT  A "C5'" 1 
ATOM   65  C "C4'" . DT  A 1 4 ? -6.675  0.563   -0.149  1.00 13.61 ? 4  DT  A "C4'" 1 
ATOM   66  O "O4'" . DT  A 1 4 ? -5.445  0.867   0.475   1.00 13.40 ? 4  DT  A "O4'" 1 
ATOM   67  C "C3'" . DT  A 1 4 ? -6.347  -0.151  -1.467  1.00 13.68 ? 4  DT  A "C3'" 1 
ATOM   68  O "O3'" . DT  A 1 4 ? -6.523  0.747   -2.554  1.00 14.24 ? 4  DT  A "O3'" 1 
ATOM   69  C "C2'" . DT  A 1 4 ? -4.929  -0.638  -1.231  1.00 13.48 ? 4  DT  A "C2'" 1 
ATOM   70  C "C1'" . DT  A 1 4 ? -4.358  0.485   -0.404  1.00 13.01 ? 4  DT  A "C1'" 1 
ATOM   71  N N1    . DT  A 1 4 ? -3.232  0.101   0.436   1.00 12.34 ? 4  DT  A N1    1 
ATOM   72  C C2    . DT  A 1 4 ? -2.237  1.043   0.655   1.00 12.24 ? 4  DT  A C2    1 
ATOM   73  O O2    . DT  A 1 4 ? -2.277  2.150   0.156   1.00 12.19 ? 4  DT  A O2    1 
ATOM   74  N N3    . DT  A 1 4 ? -1.220  0.695   1.464   1.00 12.13 ? 4  DT  A N3    1 
ATOM   75  C C4    . DT  A 1 4 ? -1.100  -0.533  2.048   1.00 12.30 ? 4  DT  A C4    1 
ATOM   76  O O4    . DT  A 1 4 ? -0.110  -0.735  2.798   1.00 11.99 ? 4  DT  A O4    1 
ATOM   77  C C5    . DT  A 1 4 ? -2.144  -1.473  1.832   1.00 12.26 ? 4  DT  A C5    1 
ATOM   78  C C7    . DT  A 1 4 ? -2.083  -2.832  2.492   1.00 12.41 ? 4  DT  A C7    1 
ATOM   79  C C6    . DT  A 1 4 ? -3.167  -1.125  1.040   1.00 12.36 ? 4  DT  A C6    1 
ATOM   80  P P     . DC  A 1 5 ? -6.813  0.511   -4.101  1.00 18.41 ? 5  DC  A P     1 
ATOM   81  O OP1   . DC  A 1 5 ? -7.552  1.670   -4.629  1.00 16.54 ? 5  DC  A OP1   1 
ATOM   82  O OP2   . DC  A 1 5 ? -7.309  -0.834  -4.382  1.00 15.31 ? 5  DC  A OP2   1 
ATOM   83  O "O5'" . DC  A 1 5 ? -5.240  0.670   -4.601  1.00 14.08 ? 5  DC  A "O5'" 1 
ATOM   84  C "C5'" . DC  A 1 5 ? -4.786  2.009   -4.971  1.00 13.35 ? 5  DC  A "C5'" 1 
ATOM   85  C "C4'" . DC  A 1 5 ? -3.285  1.824   -5.133  1.00 12.80 ? 5  DC  A "C4'" 1 
ATOM   86  O "O4'" . DC  A 1 5 ? -2.783  1.399   -3.841  1.00 12.51 ? 5  DC  A "O4'" 1 
ATOM   87  C "C3'" . DC  A 1 5 ? -2.844  0.772   -6.129  1.00 12.71 ? 5  DC  A "C3'" 1 
ATOM   88  O "O3'" . DC  A 1 5 ? -1.759  1.204   -6.958  1.00 12.81 ? 5  DC  A "O3'" 1 
ATOM   89  C "C2'" . DC  A 1 5 ? -2.397  -0.399  -5.235  1.00 12.38 ? 5  DC  A "C2'" 1 
ATOM   90  C "C1'" . DC  A 1 5 ? -1.782  0.464   -4.094  1.00 11.79 ? 5  DC  A "C1'" 1 
ATOM   91  N N1    . DC  A 1 5 ? -1.355  -0.418  -3.005  1.00 11.14 ? 5  DC  A N1    1 
ATOM   92  C C2    . DC  A 1 5 ? -0.208  0.025   -2.350  1.00 10.52 ? 5  DC  A C2    1 
ATOM   93  O O2    . DC  A 1 5 ? 0.275   1.116   -2.613  1.00 10.16 ? 5  DC  A O2    1 
ATOM   94  N N3    . DC  A 1 5 ? 0.307   -0.794  -1.402  1.00 10.30 ? 5  DC  A N3    1 
ATOM   95  C C4    . DC  A 1 5 ? -0.202  -2.003  -1.114  1.00 10.24 ? 5  DC  A C4    1 
ATOM   96  N N4    . DC  A 1 5 ? 0.354   -2.763  -0.182  1.00 10.35 ? 5  DC  A N4    1 
ATOM   97  C C5    . DC  A 1 5 ? -1.370  -2.453  -1.790  1.00 10.45 ? 5  DC  A C5    1 
ATOM   98  C C6    . DC  A 1 5 ? -1.889  -1.624  -2.712  1.00 10.59 ? 5  DC  A C6    1 
ATOM   99  P P     . DG  A 1 6 ? -2.109  1.973   -8.304  1.00 11.62 ? 6  DG  A P     1 
ATOM   100 O OP1   . DG  A 1 6 ? -3.065  3.136   -8.104  1.00 13.73 ? 6  DG  A OP1   1 
ATOM   101 O OP2   . DG  A 1 6 ? -2.661  0.849   -9.099  1.00 7.82  ? 6  DG  A OP2   1 
ATOM   102 O "O5'" . DG  A 1 6 ? -0.733  2.602   -8.773  1.00 12.18 ? 6  DG  A "O5'" 1 
ATOM   103 C "C5'" . DG  A 1 6 ? 0.174   3.250   -7.884  1.00 11.74 ? 6  DG  A "C5'" 1 
ATOM   104 C "C4'" . DG  A 1 6 ? 1.305   3.821   -8.690  1.00 11.12 ? 6  DG  A "C4'" 1 
ATOM   105 O "O4'" . DG  A 1 6 ? 2.517   3.076   -8.417  1.00 10.86 ? 6  DG  A "O4'" 1 
ATOM   106 C "C3'" . DG  A 1 6 ? 1.264   3.799   -10.216 1.00 10.92 ? 6  DG  A "C3'" 1 
ATOM   107 O "O3'" . DG  A 1 6 ? 2.125   4.834   -10.701 1.00 11.33 ? 6  DG  A "O3'" 1 
ATOM   108 C "C2'" . DG  A 1 6 ? 1.741   2.402   -10.550 1.00 10.49 ? 6  DG  A "C2'" 1 
ATOM   109 C "C1'" . DG  A 1 6 ? 2.762   2.118   -9.465  1.00 9.70  ? 6  DG  A "C1'" 1 
ATOM   110 N N9    . DG  A 1 6 ? 2.638   0.739   -8.966  1.00 8.94  ? 6  DG  A N9    1 
ATOM   111 C C8    . DG  A 1 6 ? 1.629   -0.165  -9.119  1.00 8.81  ? 6  DG  A C8    1 
ATOM   112 N N7    . DG  A 1 6 ? 1.856   -1.295  -8.518  1.00 8.07  ? 6  DG  A N7    1 
ATOM   113 C C5    . DG  A 1 6 ? 3.117   -1.150  -7.943  1.00 7.98  ? 6  DG  A C5    1 
ATOM   114 C C6    . DG  A 1 6 ? 3.905   -2.029  -7.170  1.00 7.65  ? 6  DG  A C6    1 
ATOM   115 O O6    . DG  A 1 6 ? 3.625   -3.169  -6.777  1.00 7.23  ? 6  DG  A O6    1 
ATOM   116 N N1    . DG  A 1 6 ? 5.111   -1.526  -6.765  1.00 7.66  ? 6  DG  A N1    1 
ATOM   117 C C2    . DG  A 1 6 ? 5.519   -0.281  -7.092  1.00 7.40  ? 6  DG  A C2    1 
ATOM   118 N N2    . DG  A 1 6 ? 6.692   0.161   -6.626  1.00 7.63  ? 6  DG  A N2    1 
ATOM   119 N N3    . DG  A 1 6 ? 4.801   0.615   -7.821  1.00 7.86  ? 6  DG  A N3    1 
ATOM   120 C C4    . DG  A 1 6 ? 3.608   0.105   -8.203  1.00 8.20  ? 6  DG  A C4    1 
HETATM 121 C C1    . CMD B 2 . ? 2.571   -4.914  -2.260  1.00 12.28 ? 7  CMD A C1    1 
HETATM 122 C C2    . CMD B 2 . ? 1.508   -5.772  -2.536  1.00 12.14 ? 7  CMD A C2    1 
HETATM 123 C C3    . CMD B 2 . ? 0.417   -5.380  -3.418  1.00 12.40 ? 7  CMD A C3    1 
HETATM 124 C C4    . CMD B 2 . ? 0.488   -4.060  -4.065  1.00 11.96 ? 7  CMD A C4    1 
HETATM 125 O O4    . CMD B 2 . ? -0.446  -3.602  -4.902  1.00 12.00 ? 7  CMD A O4    1 
HETATM 126 C C5    . CMD B 2 . ? 1.619   -3.275  -3.740  1.00 12.03 ? 7  CMD A C5    1 
HETATM 127 C C6    . CMD B 2 . ? 1.742   -1.910  -4.332  1.00 12.10 ? 7  CMD A C6    1 
HETATM 128 O O6    . CMD B 2 . ? 0.934   -1.418  -5.119  1.00 12.03 ? 7  CMD A O6    1 
HETATM 129 C C7    . CMD B 2 . ? 2.922   -1.073  -3.981  1.00 12.18 ? 7  CMD A C7    1 
HETATM 130 C C8    . CMD B 2 . ? 3.036   0.203   -4.553  1.00 12.42 ? 7  CMD A C8    1 
HETATM 131 O O8    . CMD B 2 . ? 2.150   0.700   -5.366  1.00 12.68 ? 7  CMD A O8    1 
HETATM 132 C C9    . CMD B 2 . ? 4.175   0.969   -4.235  1.00 13.00 ? 7  CMD A C9    1 
HETATM 133 C C10   . CMD B 2 . ? 4.259   2.395   -4.920  1.00 13.62 ? 7  CMD A C10   1 
HETATM 134 O O10   . CMD B 2 . ? 3.044   3.035   -4.456  1.00 14.54 ? 7  CMD A O10   1 
HETATM 135 C C11   . CMD B 2 . ? 5.521   3.142   -4.616  1.00 13.54 ? 7  CMD A C11   1 
HETATM 136 C C12   . CMD B 2 . ? 6.076   2.882   -3.248  1.00 13.43 ? 7  CMD A C12   1 
HETATM 137 O O12   . CMD B 2 . ? 5.279   3.496   -2.216  1.00 13.78 ? 7  CMD A O12   1 
HETATM 138 C C13   . CMD B 2 . ? 7.463   3.563   -3.113  1.00 13.69 ? 7  CMD A C13   1 
HETATM 139 O O13   . CMD B 2 . ? 8.274   2.852   -3.710  1.00 13.89 ? 7  CMD A O13   1 
HETATM 140 C C14   . CMD B 2 . ? 7.663   5.081   -3.178  1.00 14.02 ? 7  CMD A C14   1 
HETATM 141 O O14   . CMD B 2 . ? 8.906   5.596   -2.581  1.00 14.12 ? 7  CMD A O14   1 
HETATM 142 C C15   . CMD B 2 . ? 6.341   1.350   -2.994  1.00 13.17 ? 7  CMD A C15   1 
HETATM 143 C C16   . CMD B 2 . ? 5.189   0.575   -3.362  1.00 12.74 ? 7  CMD A C16   1 
HETATM 144 C C17   . CMD B 2 . ? 5.042   -0.713  -2.809  1.00 12.30 ? 7  CMD A C17   1 
HETATM 145 O O17   . CMD B 2 . ? 5.995   -1.214  -1.932  1.00 12.27 ? 7  CMD A O17   1 
HETATM 146 C C18   . CMD B 2 . ? 3.959   -1.568  -3.039  1.00 12.22 ? 7  CMD A C18   1 
HETATM 147 C C19   . CMD B 2 . ? 3.795   -2.892  -2.494  1.00 12.14 ? 7  CMD A C19   1 
HETATM 148 O O19   . CMD B 2 . ? 4.595   -3.374  -1.703  1.00 12.22 ? 7  CMD A O19   1 
HETATM 149 C C20   . CMD B 2 . ? 2.605   -3.653  -2.876  1.00 12.09 ? 7  CMD A C20   1 
HETATM 150 C C21   . CMD B 2 . ? -1.625  -4.546  -5.159  1.00 11.95 ? 7  CMD A C21   1 
HETATM 151 C "C1'" . CMD B 2 . ? 2.395   4.023   -5.161  1.00 15.49 ? 7  CMD A "C1'" 1 
HETATM 152 C "C2'" . CMD B 2 . ? 0.977   4.213   -4.704  1.00 16.04 ? 7  CMD A "C2'" 1 
HETATM 153 C "C3'" . CMD B 2 . ? 0.994   4.664   -3.222  1.00 16.71 ? 7  CMD A "C3'" 1 
HETATM 154 C "C4'" . CMD B 2 . ? 1.814   5.979   -3.132  1.00 16.56 ? 7  CMD A "C4'" 1 
HETATM 155 O "O4'" . CMD B 2 . ? 1.044   6.999   -3.847  1.00 16.79 ? 7  CMD A "O4'" 1 
HETATM 156 C "C5'" . CMD B 2 . ? 3.226   5.752   -3.607  1.00 16.18 ? 7  CMD A "C5'" 1 
HETATM 157 O "O5'" . CMD B 2 . ? 3.202   5.254   -5.041  1.00 15.93 ? 7  CMD A "O5'" 1 
HETATM 158 C "C6'" . CMD B 2 . ? 4.050   7.062   -3.736  1.00 16.19 ? 7  CMD A "C6'" 1 
HETATM 159 N "N3'" . CMD B 2 . ? -0.411  4.912   -2.757  1.00 17.32 ? 7  CMD A "N3'" 1 
HETATM 160 C C33   . CMD B 2 . ? -0.336  5.534   -1.481  1.00 17.83 ? 7  CMD A C33   1 
HETATM 161 C C23   . CMD B 2 . ? -1.320  4.885   -0.428  1.00 17.85 ? 7  CMD A C23   1 
HETATM 162 O O16   . CMD B 2 . ? -2.575  4.725   -1.169  1.00 18.03 ? 7  CMD A O16   1 
HETATM 163 C C63   . CMD B 2 . ? -2.486  3.658   -2.139  1.00 17.82 ? 7  CMD A C63   1 
HETATM 164 C C53   . CMD B 2 . ? -1.151  3.693   -2.884  1.00 17.54 ? 7  CMD A C53   1 
HETATM 165 C C73   . CMD B 2 . ? -0.784  6.982   -1.697  1.00 18.36 ? 7  CMD A C73   1 
HETATM 166 N N73   . CMD B 2 . ? -1.767  7.614   -1.870  1.00 18.72 ? 7  CMD A N73   1 
HETATM 167 O O     . HOH C 3 . ? 0.130   -2.969  -8.043  1.00 19.43 ? 8  HOH A O     1 
HETATM 168 O O     . HOH C 3 . ? 0.726   -1.675  7.226   1.00 31.79 ? 9  HOH A O     1 
HETATM 169 O O     . HOH C 3 . ? -4.246  -2.533  -4.505  1.00 19.89 ? 10 HOH A O     1 
HETATM 170 O O     . HOH C 3 . ? -0.231  -8.706  -3.613  1.00 14.60 ? 11 HOH A O     1 
HETATM 171 O O     . HOH C 3 . ? 1.362   -2.556  4.020   1.00 27.85 ? 12 HOH A O     1 
HETATM 172 O O     . HOH C 3 . ? 5.323   -12.522 2.804   1.00 30.22 ? 13 HOH A O     1 
HETATM 173 O O     . HOH C 3 . ? 9.051   -7.390  -0.589  1.00 43.78 ? 14 HOH A O     1 
HETATM 174 O O     . HOH C 3 . ? 9.220   -3.319  2.168   1.00 34.79 ? 15 HOH A O     1 
HETATM 175 O O     . HOH C 3 . ? 9.094   7.569   -6.362  1.00 33.06 ? 16 HOH A O     1 
HETATM 176 O O     . HOH C 3 . ? 2.095   -5.371  -6.664  1.00 26.06 ? 17 HOH A O     1 
HETATM 177 O O     . HOH C 3 . ? 4.174   -6.999  -4.869  1.00 30.48 ? 18 HOH A O     1 
HETATM 178 O O     . HOH C 3 . ? 3.843   -6.051  4.432   1.00 34.97 ? 19 HOH A O     1 
HETATM 179 O O     . HOH C 3 . ? 5.210   -5.921  -0.004  1.00 37.57 ? 20 HOH A O     1 
HETATM 180 O O     . HOH C 3 . ? 9.014   10.087  -12.653 1.00 26.70 ? 21 HOH A O     1 
HETATM 181 O O     . HOH C 3 . ? -0.888  -6.338  8.885   1.00 40.35 ? 22 HOH A O     1 
HETATM 182 O O     . HOH C 3 . ? -1.018  -8.703  4.076   1.00 34.62 ? 23 HOH A O     1 
HETATM 183 O O     . HOH C 3 . ? 1.434   10.114  -3.395  1.00 27.51 ? 24 HOH A O     1 
HETATM 184 O O     . HOH C 3 . ? 2.316   -5.499  2.240   1.00 25.43 ? 25 HOH A O     1 
HETATM 185 O O     . HOH C 3 . ? 1.029   10.831  -6.038  1.00 21.26 ? 26 HOH A O     1 
HETATM 186 O O     . HOH C 3 . ? 6.109   7.598   -8.052  1.00 30.20 ? 27 HOH A O     1 
HETATM 187 O O     . HOH C 3 . ? -1.067  -0.165  -11.053 1.00 27.36 ? 28 HOH A O     1 
HETATM 188 O O     . HOH C 3 . ? 7.822   8.223   -12.523 1.00 39.83 ? 29 HOH A O     1 
HETATM 189 O O     . HOH C 3 . ? 13.877  -1.871  -3.357  1.00 36.63 ? 30 HOH A O     1 
HETATM 190 O O     . HOH C 3 . ? 5.489   -3.614  2.906   1.00 31.74 ? 31 HOH A O     1 
HETATM 191 O O     . HOH C 3 . ? 3.423   -7.887  0.145   1.00 28.36 ? 32 HOH A O     1 
HETATM 192 O O     . HOH C 3 . ? -2.547  -1.602  -8.888  1.00 21.14 ? 33 HOH A O     1 
HETATM 193 O O     . HOH C 3 . ? 8.552   7.095   -9.366  1.00 34.34 ? 34 HOH A O     1 
HETATM 194 O O     . HOH C 3 . ? 6.102   3.119   -8.267  1.00 25.29 ? 35 HOH A O     1 
HETATM 195 O O     . HOH C 3 . ? 8.527   2.606   -7.257  1.00 16.66 ? 36 HOH A O     1 
HETATM 196 O O     . HOH C 3 . ? 4.565   8.080   -11.658 1.00 14.35 ? 37 HOH A O     1 
HETATM 197 O O     . HOH C 3 . ? 1.140   -10.356 -8.285  1.00 24.39 ? 38 HOH A O     1 
HETATM 198 O O     . HOH C 3 . ? 5.713   -8.692  -3.769  1.00 32.29 ? 39 HOH A O     1 
HETATM 199 O O     . HOH C 3 . ? -3.852  5.412   -10.810 1.00 23.36 ? 40 HOH A O     1 
HETATM 200 O O     . HOH C 3 . ? 6.995   8.744   -3.300  1.00 28.37 ? 41 HOH A O     1 
HETATM 201 O O     . HOH C 3 . ? -2.223  -5.574  -9.021  1.00 36.98 ? 42 HOH A O     1 
HETATM 202 O O     . HOH C 3 . ? 10.528  0.801   -4.133  1.00 19.03 ? 43 HOH A O     1 
HETATM 203 O O     . HOH C 3 . ? 3.079   -13.165 5.124   1.00 34.00 ? 44 HOH A O     1 
HETATM 204 O O     . HOH C 3 . ? -5.212  -1.370  -9.169  1.00 30.21 ? 45 HOH A O     1 
HETATM 205 O O     . HOH C 3 . ? -2.314  -5.664  5.511   1.00 39.79 ? 46 HOH A O     1 
HETATM 206 O O     . HOH C 3 . ? -3.304  -7.091  -11.664 1.00 27.06 ? 47 HOH A O     1 
HETATM 207 O O     . HOH C 3 . ? -0.278  -9.189  0.860   1.00 16.98 ? 48 HOH A O     1 
HETATM 208 O O     . HOH C 3 . ? -8.474  -5.488  -4.163  1.00 34.89 ? 49 HOH A O     1 
HETATM 209 O O     . HOH C 3 . ? 11.655  3.227   -4.461  1.00 22.90 ? 50 HOH A O     1 
HETATM 210 O O     . HOH C 3 . ? 6.283   -8.098  -1.279  1.00 32.92 ? 51 HOH A O     1 
HETATM 211 O O     . HOH C 3 . ? -1.011  9.393   -5.994  1.00 32.36 ? 52 HOH A O     1 
HETATM 212 O O     . HOH C 3 . ? -0.723  6.806   -10.583 1.00 32.20 ? 53 HOH A O     1 
HETATM 213 O O     . HOH C 3 . ? -1.309  -4.783  12.233  1.00 23.71 ? 54 HOH A O     1 
HETATM 214 O O     . HOH C 3 . ? 5.820   -4.258  6.122   1.00 35.38 ? 55 HOH A O     1 
HETATM 215 O O     . HOH C 3 . ? 3.841   11.313  -2.318  1.00 19.10 ? 56 HOH A O     1 
HETATM 216 O O     . HOH C 3 . ? 2.052   -11.049 2.249   1.00 32.55 ? 57 HOH A O     1 
HETATM 217 O O     . HOH C 3 . ? 8.081   -6.314  4.467   1.00 35.98 ? 58 HOH A O     1 
HETATM 218 O O     . HOH C 3 . ? 6.581   -8.424  3.811   1.00 38.79 ? 59 HOH A O     1 
HETATM 219 O O     . HOH C 3 . ? 1.655   -5.558  6.739   1.00 35.26 ? 60 HOH A O     1 
HETATM 220 O O     . HOH C 3 . ? 3.233   5.025   -1.178  1.00 57.93 ? 61 HOH A O     1 
HETATM 221 O O     . HOH C 3 . ? 4.030   -11.266 0.469   1.00 42.72 ? 62 HOH A O     1 
HETATM 222 O O     . HOH C 3 . ? -10.116 0.415   -4.022  1.00 36.54 ? 63 HOH A O     1 
HETATM 223 O O     . HOH C 3 . ? 9.146   5.068   -6.433  1.00 32.29 ? 64 HOH A O     1 
HETATM 224 O O     . HOH C 3 . ? 5.623   -10.591 -1.844  1.00 40.45 ? 65 HOH A O     1 
HETATM 225 O O     . HOH C 3 . ? -2.950  -3.677  -10.782 1.00 35.60 ? 66 HOH A O     1 
HETATM 226 O O     . HOH C 3 . ? 11.818  4.822   -6.611  1.00 35.88 ? 67 HOH A O     1 
HETATM 227 O O     . HOH C 3 . ? -0.313  7.225   -7.243  1.00 28.73 ? 68 HOH A O     1 
# 
